data_9UEI
#
_entry.id   9UEI
#
_cell.length_a   49.745
_cell.length_b   71.970
_cell.length_c   133.890
_cell.angle_alpha   90.00
_cell.angle_beta   97.52
_cell.angle_gamma   90.00
#
_symmetry.space_group_name_H-M   'P 1 21 1'
#
loop_
_entity.id
_entity.type
_entity.pdbx_description
1 polymer UGT79G15
2 water water
#
_entity_poly.entity_id   1
_entity_poly.type   'polypeptide(L)'
_entity_poly.pdbx_seq_one_letter_code
;EKPKLHITMFPWVAIGHITPFIHLANELAKRGHSISILIPKKAHTQLGHNNLYPDLIKFHIVTVPHVEGLPAGAETASDI
DITAKNPLAIAFDAMYEQVETLLYGLKPDIVFYDFADWIPKLAAQIGFKTVCYNVICASCMAIGIVPARHIPKDRPLTEE
ELMTPPEGYPSSTVVLRGQEARTLSFIGMDYGATKFDVRITAAMQGCDAIGIRTCRELEGPMCDYLSAQYNKPVFLSGPV
LPESPKGPLEEKWEKWLNKFEPKSVVYCAFGSQMILQKNQFQELVLGFEMTGLPFFVALSKPHGADSIEEALPEGFLERV
GDRGVVHGGWVQQTQILNHQSVGCFVSHCGFGSMWESLLSDSQIVLVPRLADQILNTRLLAEELKVAVEVERGDMGWFSK
EDLCKAIKSVMDEESEVGKLVKKNHAKWRETLVSPGYMDNYLEDFIQQLYG
;
_entity_poly.pdbx_strand_id   A,B
#
# COMPACT_ATOMS: atom_id res chain seq x y z
N LYS A 2 -4.46 10.80 29.46
CA LYS A 2 -4.09 10.80 28.05
C LYS A 2 -4.04 12.22 27.50
N PRO A 3 -3.03 12.49 26.67
CA PRO A 3 -2.86 13.81 26.08
C PRO A 3 -3.89 14.03 24.96
N LYS A 4 -4.22 15.26 24.65
CA LYS A 4 -5.11 15.48 23.52
C LYS A 4 -4.50 14.99 22.22
N LEU A 5 -5.34 14.73 21.23
CA LEU A 5 -4.87 14.24 19.93
C LEU A 5 -4.62 15.40 18.98
N HIS A 6 -3.65 15.21 18.09
CA HIS A 6 -3.46 16.09 16.94
C HIS A 6 -3.82 15.28 15.71
N ILE A 7 -4.90 15.68 15.03
CA ILE A 7 -5.42 14.98 13.88
C ILE A 7 -5.24 15.88 12.66
N THR A 8 -4.67 15.33 11.59
CA THR A 8 -4.63 16.04 10.32
C THR A 8 -5.66 15.43 9.39
N MET A 9 -6.45 16.28 8.74
CA MET A 9 -7.43 15.83 7.77
C MET A 9 -7.01 16.25 6.38
N PHE A 10 -7.04 15.30 5.45
CA PHE A 10 -6.73 15.54 4.05
C PHE A 10 -7.83 14.93 3.21
N PRO A 11 -8.92 15.65 2.98
CA PRO A 11 -10.05 15.12 2.22
C PRO A 11 -9.86 15.28 0.72
N TRP A 12 -10.65 14.50 -0.01
CA TRP A 12 -10.82 14.71 -1.45
C TRP A 12 -11.22 16.15 -1.72
N VAL A 13 -10.75 16.68 -2.84
CA VAL A 13 -10.93 18.09 -3.16
C VAL A 13 -12.32 18.32 -3.75
N ALA A 14 -13.33 18.24 -2.90
CA ALA A 14 -14.70 18.59 -3.25
C ALA A 14 -15.32 19.23 -2.03
N ILE A 15 -16.09 20.30 -2.25
CA ILE A 15 -16.74 20.99 -1.15
C ILE A 15 -17.59 20.03 -0.34
N GLY A 16 -18.24 19.07 -1.02
CA GLY A 16 -19.09 18.09 -0.36
C GLY A 16 -18.34 17.12 0.53
N HIS A 17 -17.03 17.00 0.36
CA HIS A 17 -16.18 16.24 1.27
C HIS A 17 -15.56 17.13 2.33
N ILE A 18 -15.02 18.27 1.92
CA ILE A 18 -14.33 19.17 2.84
C ILE A 18 -15.27 19.67 3.94
N THR A 19 -16.51 19.98 3.57
CA THR A 19 -17.44 20.55 4.55
C THR A 19 -17.74 19.60 5.69
N PRO A 20 -18.11 18.33 5.46
CA PRO A 20 -18.32 17.43 6.62
C PRO A 20 -17.05 17.14 7.40
N PHE A 21 -15.87 17.18 6.76
CA PHE A 21 -14.64 17.04 7.53
C PHE A 21 -14.49 18.21 8.50
N ILE A 22 -14.85 19.42 8.05
CA ILE A 22 -14.80 20.60 8.91
C ILE A 22 -15.78 20.47 10.06
N HIS A 23 -17.00 20.00 9.77
CA HIS A 23 -17.97 19.79 10.83
C HIS A 23 -17.43 18.86 11.90
N LEU A 24 -16.81 17.75 11.48
CA LEU A 24 -16.22 16.82 12.44
C LEU A 24 -15.05 17.45 13.19
N ALA A 25 -14.23 18.23 12.48
CA ALA A 25 -13.14 18.95 13.14
C ALA A 25 -13.67 19.83 14.27
N ASN A 26 -14.78 20.52 14.03
CA ASN A 26 -15.39 21.34 15.07
C ASN A 26 -15.77 20.50 16.28
N GLU A 27 -16.37 19.32 16.05
CA GLU A 27 -16.77 18.49 17.18
C GLU A 27 -15.58 17.97 17.96
N LEU A 28 -14.45 17.70 17.29
CA LEU A 28 -13.27 17.22 17.98
C LEU A 28 -12.57 18.33 18.78
N ALA A 29 -12.45 19.53 18.19
CA ALA A 29 -11.82 20.63 18.91
C ALA A 29 -12.68 21.09 20.07
N LYS A 30 -14.00 20.93 19.97
CA LYS A 30 -14.86 21.20 21.12
C LYS A 30 -14.46 20.36 22.33
N ARG A 31 -13.90 19.17 22.10
CA ARG A 31 -13.39 18.31 23.15
C ARG A 31 -11.90 18.48 23.38
N GLY A 32 -11.29 19.53 22.82
CA GLY A 32 -9.94 19.92 23.14
C GLY A 32 -8.85 19.43 22.19
N HIS A 33 -9.21 18.68 21.15
CA HIS A 33 -8.21 18.16 20.23
C HIS A 33 -7.82 19.18 19.17
N SER A 34 -6.58 19.08 18.72
CA SER A 34 -6.02 19.93 17.69
C SER A 34 -6.21 19.30 16.32
N ILE A 35 -6.66 20.09 15.34
CA ILE A 35 -6.91 19.61 13.98
C ILE A 35 -6.19 20.51 12.98
N SER A 36 -5.42 19.89 12.08
CA SER A 36 -4.89 20.59 10.91
C SER A 36 -5.62 20.06 9.68
N ILE A 37 -6.10 20.98 8.85
CA ILE A 37 -6.94 20.65 7.69
C ILE A 37 -6.24 21.16 6.44
N LEU A 38 -5.92 20.24 5.52
CA LEU A 38 -5.17 20.55 4.30
C LEU A 38 -6.16 20.61 3.14
N ILE A 39 -6.40 21.82 2.62
CA ILE A 39 -7.35 22.02 1.53
C ILE A 39 -6.84 23.09 0.58
N PRO A 40 -7.40 23.15 -0.64
CA PRO A 40 -6.97 24.18 -1.60
C PRO A 40 -7.47 25.57 -1.24
N LYS A 41 -6.90 26.55 -1.94
CA LYS A 41 -7.12 27.96 -1.61
C LYS A 41 -8.58 28.36 -1.72
N LYS A 42 -9.20 28.12 -2.89
CA LYS A 42 -10.56 28.62 -3.11
C LYS A 42 -11.53 27.99 -2.13
N ALA A 43 -11.36 26.70 -1.81
CA ALA A 43 -12.21 26.06 -0.83
C ALA A 43 -12.09 26.73 0.53
N HIS A 44 -10.86 27.09 0.91
CA HIS A 44 -10.67 27.75 2.20
C HIS A 44 -11.36 29.12 2.22
N THR A 45 -11.28 29.86 1.11
CA THR A 45 -11.97 31.14 1.06
C THR A 45 -13.47 30.95 1.23
N GLN A 46 -14.02 29.88 0.68
CA GLN A 46 -15.47 29.65 0.75
C GLN A 46 -15.91 29.07 2.08
N LEU A 47 -15.03 28.34 2.78
CA LEU A 47 -15.43 27.58 3.95
C LEU A 47 -14.77 28.00 5.25
N GLY A 48 -13.79 28.91 5.22
CA GLY A 48 -13.02 29.20 6.42
C GLY A 48 -13.85 29.73 7.57
N HIS A 49 -14.98 30.38 7.27
CA HIS A 49 -15.85 30.91 8.31
C HIS A 49 -16.45 29.82 9.18
N ASN A 50 -16.42 28.56 8.73
CA ASN A 50 -16.97 27.44 9.49
C ASN A 50 -16.10 27.02 10.67
N ASN A 51 -14.88 27.55 10.77
CA ASN A 51 -13.96 27.18 11.85
C ASN A 51 -14.43 27.83 13.15
N LEU A 52 -14.97 27.02 14.06
CA LEU A 52 -15.46 27.53 15.33
C LEU A 52 -14.40 27.53 16.42
N TYR A 53 -13.23 26.95 16.18
CA TYR A 53 -12.19 26.81 17.20
C TYR A 53 -10.84 27.18 16.59
N PRO A 54 -10.64 28.48 16.30
CA PRO A 54 -9.46 28.88 15.52
C PRO A 54 -8.12 28.62 16.21
N ASP A 55 -8.08 28.53 17.54
CA ASP A 55 -6.82 28.18 18.21
C ASP A 55 -6.49 26.71 18.04
N LEU A 56 -7.49 25.86 17.82
CA LEU A 56 -7.30 24.42 17.75
C LEU A 56 -7.37 23.87 16.34
N ILE A 57 -8.11 24.50 15.44
CA ILE A 57 -8.27 24.04 14.06
C ILE A 57 -7.51 24.99 13.15
N LYS A 58 -6.50 24.48 12.46
CA LYS A 58 -5.66 25.29 11.57
C LYS A 58 -5.74 24.77 10.15
N PHE A 59 -6.03 25.67 9.21
CA PHE A 59 -6.03 25.32 7.80
C PHE A 59 -4.64 25.51 7.21
N HIS A 60 -4.24 24.59 6.35
CA HIS A 60 -3.01 24.69 5.60
C HIS A 60 -3.35 24.57 4.12
N ILE A 61 -2.92 25.55 3.33
CA ILE A 61 -3.32 25.64 1.92
C ILE A 61 -2.39 24.76 1.08
N VAL A 62 -2.98 23.85 0.31
CA VAL A 62 -2.25 23.00 -0.62
C VAL A 62 -2.51 23.50 -2.03
N THR A 63 -1.46 23.57 -2.85
CA THR A 63 -1.61 24.03 -4.22
C THR A 63 -1.97 22.84 -5.10
N VAL A 64 -2.82 23.09 -6.10
CA VAL A 64 -3.27 22.06 -7.03
C VAL A 64 -2.27 22.02 -8.19
N PRO A 65 -1.52 20.94 -8.36
CA PRO A 65 -0.46 20.92 -9.37
C PRO A 65 -1.04 21.00 -10.78
N HIS A 66 -0.21 21.49 -11.69
CA HIS A 66 -0.59 21.47 -13.10
C HIS A 66 -0.59 20.05 -13.63
N VAL A 67 -1.62 19.73 -14.43
CA VAL A 67 -1.74 18.46 -15.12
C VAL A 67 -2.35 18.75 -16.49
N GLU A 68 -1.99 17.95 -17.49
CA GLU A 68 -2.63 18.11 -18.79
C GLU A 68 -4.10 17.74 -18.67
N GLY A 69 -4.97 18.64 -19.11
CA GLY A 69 -6.40 18.41 -19.09
C GLY A 69 -7.12 19.14 -17.99
N LEU A 70 -6.40 19.69 -17.02
CA LEU A 70 -7.03 20.37 -15.91
C LEU A 70 -6.95 21.87 -16.17
N PRO A 71 -8.07 22.56 -16.34
CA PRO A 71 -8.01 24.00 -16.63
C PRO A 71 -7.30 24.77 -15.52
N ALA A 72 -6.57 25.80 -15.93
CA ALA A 72 -5.96 26.73 -14.97
C ALA A 72 -7.00 27.24 -13.99
N GLY A 73 -6.66 27.19 -12.70
CA GLY A 73 -7.51 27.67 -11.64
C GLY A 73 -8.50 26.65 -11.09
N ALA A 74 -8.67 25.51 -11.76
CA ALA A 74 -9.56 24.47 -11.23
C ALA A 74 -8.92 23.86 -9.98
N GLU A 75 -9.70 23.75 -8.90
CA GLU A 75 -9.14 23.22 -7.66
C GLU A 75 -9.97 22.11 -7.04
N THR A 76 -11.29 22.13 -7.23
CA THR A 76 -12.15 21.12 -6.63
C THR A 76 -13.10 20.57 -7.70
N ALA A 77 -13.83 19.52 -7.31
CA ALA A 77 -14.71 18.83 -8.26
C ALA A 77 -15.76 19.75 -8.85
N SER A 78 -16.18 20.78 -8.10
CA SER A 78 -17.19 21.71 -8.60
C SER A 78 -16.61 22.76 -9.56
N ASP A 79 -15.30 22.77 -9.77
CA ASP A 79 -14.67 23.68 -10.72
C ASP A 79 -14.56 23.10 -12.13
N ILE A 80 -14.85 21.82 -12.31
CA ILE A 80 -14.59 21.14 -13.58
C ILE A 80 -15.88 20.52 -14.10
N ASP A 81 -15.87 20.21 -15.39
CA ASP A 81 -16.88 19.37 -15.99
C ASP A 81 -16.35 17.94 -16.12
N ILE A 82 -17.23 17.04 -16.56
CA ILE A 82 -16.89 15.61 -16.66
C ILE A 82 -15.58 15.38 -17.38
N THR A 83 -15.23 16.23 -18.34
CA THR A 83 -14.05 15.97 -19.16
C THR A 83 -12.74 16.11 -18.38
N ALA A 84 -12.73 16.84 -17.26
CA ALA A 84 -11.53 16.99 -16.46
C ALA A 84 -11.50 16.06 -15.25
N LYS A 85 -12.45 15.12 -15.16
CA LYS A 85 -12.47 14.15 -14.07
C LYS A 85 -11.11 13.53 -13.82
N ASN A 86 -10.51 12.93 -14.86
CA ASN A 86 -9.27 12.21 -14.65
C ASN A 86 -8.09 13.15 -14.36
N PRO A 87 -7.97 14.29 -15.05
CA PRO A 87 -6.91 15.24 -14.68
C PRO A 87 -6.99 15.73 -13.23
N LEU A 88 -8.19 16.00 -12.72
CA LEU A 88 -8.31 16.46 -11.34
C LEU A 88 -7.84 15.38 -10.36
N ALA A 89 -8.21 14.12 -10.61
CA ALA A 89 -7.75 13.04 -9.75
C ALA A 89 -6.23 12.89 -9.81
N ILE A 90 -5.64 13.08 -10.99
CA ILE A 90 -4.19 13.00 -11.12
C ILE A 90 -3.52 14.13 -10.34
N ALA A 91 -4.07 15.35 -10.44
CA ALA A 91 -3.51 16.47 -9.69
C ALA A 91 -3.61 16.23 -8.19
N PHE A 92 -4.76 15.71 -7.73
CA PHE A 92 -4.92 15.37 -6.32
C PHE A 92 -3.83 14.41 -5.87
N ASP A 93 -3.62 13.33 -6.62
CA ASP A 93 -2.57 12.38 -6.28
C ASP A 93 -1.19 13.02 -6.32
N ALA A 94 -1.02 14.03 -7.17
CA ALA A 94 0.25 14.76 -7.26
C ALA A 94 0.47 15.71 -6.09
N MET A 95 -0.48 15.81 -5.16
CA MET A 95 -0.24 16.59 -3.95
C MET A 95 0.60 15.83 -2.94
N TYR A 96 0.93 14.58 -3.24
CA TYR A 96 1.73 13.74 -2.35
C TYR A 96 2.92 14.48 -1.75
N GLU A 97 3.75 15.10 -2.59
CA GLU A 97 4.97 15.73 -2.10
C GLU A 97 4.66 16.87 -1.12
N GLN A 98 3.67 17.71 -1.46
CA GLN A 98 3.28 18.78 -0.54
C GLN A 98 2.77 18.20 0.78
N VAL A 99 1.90 17.19 0.69
CA VAL A 99 1.27 16.65 1.88
C VAL A 99 2.31 15.94 2.74
N GLU A 100 3.24 15.21 2.10
CA GLU A 100 4.36 14.63 2.82
C GLU A 100 5.11 15.70 3.60
N THR A 101 5.43 16.82 2.93
CA THR A 101 6.16 17.90 3.58
C THR A 101 5.39 18.43 4.79
N LEU A 102 4.10 18.69 4.60
CA LEU A 102 3.27 19.24 5.68
C LEU A 102 3.17 18.25 6.84
N LEU A 103 3.03 16.97 6.52
CA LEU A 103 2.90 15.96 7.58
C LEU A 103 4.20 15.83 8.37
N TYR A 104 5.35 15.97 7.70
CA TYR A 104 6.61 15.93 8.42
C TYR A 104 6.71 17.08 9.42
N GLY A 105 6.15 18.24 9.07
CA GLY A 105 6.15 19.36 9.98
C GLY A 105 5.10 19.27 11.06
N LEU A 106 3.91 18.75 10.72
CA LEU A 106 2.80 18.74 11.66
C LEU A 106 2.90 17.59 12.66
N LYS A 107 3.57 16.50 12.29
CA LYS A 107 3.73 15.33 13.15
C LYS A 107 2.42 14.89 13.84
N PRO A 108 1.35 14.66 13.07
CA PRO A 108 0.07 14.31 13.68
C PRO A 108 0.10 12.93 14.35
N ASP A 109 -0.84 12.73 15.27
CA ASP A 109 -1.06 11.41 15.83
C ASP A 109 -1.86 10.54 14.86
N ILE A 110 -2.88 11.12 14.22
CA ILE A 110 -3.80 10.40 13.35
C ILE A 110 -4.06 11.26 12.12
N VAL A 111 -4.17 10.62 10.97
CA VAL A 111 -4.54 11.30 9.74
C VAL A 111 -5.84 10.72 9.23
N PHE A 112 -6.81 11.58 8.95
CA PHE A 112 -8.06 11.21 8.32
C PHE A 112 -7.96 11.48 6.82
N TYR A 113 -8.41 10.51 6.02
CA TYR A 113 -8.40 10.68 4.57
C TYR A 113 -9.56 9.90 4.00
N ASP A 114 -9.83 10.08 2.71
CA ASP A 114 -10.79 9.20 2.04
C ASP A 114 -10.26 8.71 0.70
N PHE A 115 -10.08 9.58 -0.28
CA PHE A 115 -9.66 9.12 -1.59
C PHE A 115 -8.14 9.03 -1.72
N ALA A 116 -7.38 9.62 -0.79
CA ALA A 116 -5.91 9.63 -0.87
C ALA A 116 -5.38 8.28 -0.40
N ASP A 117 -5.47 7.29 -1.29
CA ASP A 117 -5.13 5.92 -0.93
C ASP A 117 -3.65 5.75 -0.58
N TRP A 118 -2.80 6.69 -0.99
CA TRP A 118 -1.38 6.66 -0.66
C TRP A 118 -1.06 7.18 0.73
N ILE A 119 -2.03 7.76 1.44
CA ILE A 119 -1.77 8.25 2.80
C ILE A 119 -1.21 7.14 3.70
N PRO A 120 -1.69 5.90 3.65
CA PRO A 120 -1.07 4.86 4.48
C PRO A 120 0.41 4.65 4.20
N LYS A 121 0.90 4.95 2.99
CA LYS A 121 2.33 4.84 2.74
C LYS A 121 3.09 5.92 3.51
N LEU A 122 2.54 7.13 3.56
CA LEU A 122 3.14 8.17 4.37
C LEU A 122 3.03 7.85 5.86
N ALA A 123 1.95 7.16 6.25
CA ALA A 123 1.78 6.74 7.64
C ALA A 123 2.97 5.91 8.11
N ALA A 124 3.40 4.95 7.28
CA ALA A 124 4.53 4.11 7.63
C ALA A 124 5.84 4.91 7.64
N GLN A 125 5.98 5.87 6.74
CA GLN A 125 7.24 6.60 6.63
C GLN A 125 7.37 7.63 7.75
N ILE A 126 6.30 8.34 8.05
CA ILE A 126 6.36 9.45 8.99
C ILE A 126 6.00 9.00 10.39
N GLY A 127 5.14 7.99 10.52
CA GLY A 127 4.75 7.48 11.82
C GLY A 127 3.48 8.12 12.36
N PHE A 128 2.35 7.74 11.77
CA PHE A 128 1.05 8.08 12.32
C PHE A 128 0.06 6.98 11.99
N LYS A 129 -1.04 6.97 12.74
CA LYS A 129 -2.18 6.10 12.52
C LYS A 129 -3.15 6.77 11.56
N THR A 130 -4.04 5.98 10.96
CA THR A 130 -4.93 6.54 9.94
C THR A 130 -6.34 6.01 10.11
N VAL A 131 -7.29 6.86 9.73
CA VAL A 131 -8.69 6.50 9.61
C VAL A 131 -9.12 6.87 8.20
N CYS A 132 -9.62 5.90 7.46
CA CYS A 132 -10.27 6.18 6.18
C CYS A 132 -11.70 6.60 6.49
N TYR A 133 -11.95 7.91 6.52
CA TYR A 133 -13.21 8.45 7.04
C TYR A 133 -14.16 8.76 5.89
N ASN A 134 -15.37 8.21 5.96
CA ASN A 134 -16.32 8.25 4.87
C ASN A 134 -17.55 9.06 5.27
N VAL A 135 -17.84 10.11 4.50
CA VAL A 135 -18.87 11.07 4.88
C VAL A 135 -20.23 10.64 4.33
N ILE A 136 -20.35 9.37 3.94
CA ILE A 136 -21.57 8.88 3.32
C ILE A 136 -22.14 7.73 4.15
N CYS A 137 -23.13 7.03 3.61
CA CYS A 137 -23.76 5.97 4.38
C CYS A 137 -23.08 4.64 4.10
N ALA A 138 -23.17 3.75 5.10
CA ALA A 138 -22.47 2.48 5.02
C ALA A 138 -22.99 1.60 3.91
N SER A 139 -24.30 1.69 3.61
CA SER A 139 -24.90 0.78 2.64
C SER A 139 -24.27 0.96 1.26
N CYS A 140 -24.05 2.20 0.85
CA CYS A 140 -23.39 2.44 -0.43
C CYS A 140 -21.98 1.87 -0.43
N MET A 141 -21.25 2.02 0.69
CA MET A 141 -19.93 1.41 0.80
C MET A 141 -20.02 -0.11 0.73
N ALA A 142 -20.99 -0.70 1.44
CA ALA A 142 -21.06 -2.15 1.57
C ALA A 142 -21.55 -2.82 0.29
N ILE A 143 -22.45 -2.17 -0.46
CA ILE A 143 -22.99 -2.80 -1.67
C ILE A 143 -22.10 -2.62 -2.87
N GLY A 144 -21.07 -1.78 -2.78
CA GLY A 144 -20.24 -1.47 -3.91
C GLY A 144 -18.87 -2.12 -3.87
N ILE A 145 -17.89 -1.40 -3.32
CA ILE A 145 -16.47 -1.77 -3.42
C ILE A 145 -16.09 -2.51 -2.15
N VAL A 146 -16.27 -3.83 -2.18
CA VAL A 146 -15.77 -4.74 -1.13
C VAL A 146 -15.12 -5.92 -1.84
N PRO A 147 -14.17 -6.62 -1.21
CA PRO A 147 -13.49 -7.72 -1.89
C PRO A 147 -14.42 -8.80 -2.42
N ALA A 148 -15.56 -9.02 -1.77
CA ALA A 148 -16.52 -10.00 -2.27
C ALA A 148 -17.05 -9.66 -3.66
N ARG A 149 -16.97 -8.40 -4.09
CA ARG A 149 -17.38 -8.02 -5.43
C ARG A 149 -16.17 -7.99 -6.34
N HIS A 150 -16.15 -8.87 -7.34
CA HIS A 150 -15.11 -8.85 -8.35
C HIS A 150 -15.42 -7.77 -9.37
N ILE A 151 -14.48 -6.85 -9.57
CA ILE A 151 -14.61 -5.78 -10.54
C ILE A 151 -13.48 -5.91 -11.56
N PRO A 152 -13.79 -6.17 -12.82
CA PRO A 152 -12.73 -6.36 -13.83
C PRO A 152 -11.91 -5.10 -14.04
N LYS A 153 -10.65 -5.30 -14.43
CA LYS A 153 -9.75 -4.17 -14.63
C LYS A 153 -9.96 -3.55 -16.00
N ASP A 154 -10.46 -4.32 -16.96
CA ASP A 154 -10.39 -3.96 -18.38
C ASP A 154 -11.76 -3.66 -19.01
N ARG A 155 -12.85 -3.73 -18.26
CA ARG A 155 -14.16 -3.49 -18.84
C ARG A 155 -15.08 -2.90 -17.79
N PRO A 156 -16.09 -2.14 -18.20
CA PRO A 156 -17.12 -1.70 -17.25
C PRO A 156 -17.92 -2.89 -16.76
N LEU A 157 -18.41 -2.77 -15.54
CA LEU A 157 -19.37 -3.74 -15.03
C LEU A 157 -20.66 -3.64 -15.84
N THR A 158 -21.35 -4.77 -15.96
CA THR A 158 -22.65 -4.75 -16.61
C THR A 158 -23.72 -4.31 -15.62
N GLU A 159 -24.87 -3.89 -16.17
CA GLU A 159 -26.01 -3.55 -15.33
C GLU A 159 -26.41 -4.73 -14.45
N GLU A 160 -26.34 -5.95 -14.97
CA GLU A 160 -26.69 -7.11 -14.16
C GLU A 160 -25.69 -7.33 -13.04
N GLU A 161 -24.41 -7.06 -13.29
CA GLU A 161 -23.43 -7.17 -12.20
C GLU A 161 -23.67 -6.08 -11.15
N LEU A 162 -23.98 -4.86 -11.59
CA LEU A 162 -24.20 -3.77 -10.66
C LEU A 162 -25.44 -4.02 -9.82
N MET A 163 -26.46 -4.60 -10.44
CA MET A 163 -27.71 -4.98 -9.78
C MET A 163 -27.51 -6.02 -8.68
N THR A 164 -26.47 -6.84 -8.77
CA THR A 164 -26.26 -7.94 -7.83
C THR A 164 -25.44 -7.48 -6.64
N PRO A 165 -25.98 -7.52 -5.42
CA PRO A 165 -25.18 -7.14 -4.26
C PRO A 165 -24.02 -8.08 -4.08
N PRO A 166 -22.94 -7.63 -3.44
CA PRO A 166 -21.80 -8.52 -3.21
C PRO A 166 -22.17 -9.68 -2.30
N GLU A 167 -21.50 -10.82 -2.52
CA GLU A 167 -21.70 -12.00 -1.69
C GLU A 167 -21.59 -11.66 -0.21
N GLY A 168 -22.63 -12.02 0.55
CA GLY A 168 -22.66 -11.79 1.98
C GLY A 168 -23.24 -10.46 2.40
N TYR A 169 -23.55 -9.59 1.44
CA TYR A 169 -24.18 -8.30 1.73
C TYR A 169 -25.43 -8.50 2.59
N PRO A 170 -25.54 -7.82 3.72
CA PRO A 170 -26.48 -8.26 4.77
C PRO A 170 -27.92 -7.79 4.60
N SER A 171 -28.36 -7.42 3.40
CA SER A 171 -29.73 -6.95 3.25
C SER A 171 -30.33 -7.41 1.93
N SER A 172 -31.59 -7.80 1.97
CA SER A 172 -32.37 -8.05 0.76
C SER A 172 -33.32 -6.90 0.45
N THR A 173 -33.39 -5.89 1.31
CA THR A 173 -34.27 -4.74 1.12
C THR A 173 -33.53 -3.49 0.68
N VAL A 174 -32.32 -3.28 1.21
CA VAL A 174 -31.53 -2.09 0.87
C VAL A 174 -30.71 -2.47 -0.36
N VAL A 175 -31.39 -2.50 -1.50
CA VAL A 175 -30.79 -2.93 -2.76
C VAL A 175 -31.33 -2.05 -3.87
N LEU A 176 -30.61 -2.06 -4.99
CA LEU A 176 -31.09 -1.37 -6.17
C LEU A 176 -32.02 -2.26 -6.99
N ARG A 177 -32.90 -1.60 -7.77
CA ARG A 177 -33.95 -2.19 -8.59
C ARG A 177 -33.60 -2.01 -10.05
N GLY A 178 -33.42 -3.11 -10.78
CA GLY A 178 -33.33 -3.06 -12.23
C GLY A 178 -32.41 -1.99 -12.78
N GLN A 179 -32.97 -1.09 -13.59
CA GLN A 179 -32.17 -0.04 -14.22
C GLN A 179 -31.74 1.05 -13.25
N GLU A 180 -32.03 0.92 -11.95
CA GLU A 180 -31.37 1.79 -10.98
C GLU A 180 -29.89 1.44 -10.88
N ALA A 181 -29.51 0.25 -11.33
CA ALA A 181 -28.13 -0.23 -11.22
C ALA A 181 -27.15 0.74 -11.86
N ARG A 182 -27.58 1.49 -12.88
CA ARG A 182 -26.67 2.42 -13.54
C ARG A 182 -26.23 3.53 -12.60
N THR A 183 -27.01 3.83 -11.55
CA THR A 183 -26.57 4.83 -10.60
C THR A 183 -25.35 4.38 -9.81
N LEU A 184 -25.04 3.08 -9.80
CA LEU A 184 -23.88 2.56 -9.10
C LEU A 184 -22.66 2.42 -10.00
N SER A 185 -22.76 2.79 -11.29
CA SER A 185 -21.71 2.48 -12.24
C SER A 185 -20.41 3.21 -11.93
N PHE A 186 -20.46 4.27 -11.11
CA PHE A 186 -19.25 5.00 -10.77
C PHE A 186 -18.22 4.13 -10.05
N ILE A 187 -18.62 3.01 -9.45
CA ILE A 187 -17.67 2.29 -8.61
C ILE A 187 -16.49 1.77 -9.42
N GLY A 188 -16.69 1.55 -10.72
CA GLY A 188 -15.66 1.03 -11.59
C GLY A 188 -15.10 2.03 -12.58
N MET A 189 -15.49 3.31 -12.49
CA MET A 189 -15.08 4.32 -13.44
C MET A 189 -13.59 4.59 -13.34
N ASP A 190 -13.00 4.99 -14.46
CA ASP A 190 -11.65 5.54 -14.39
C ASP A 190 -11.66 6.79 -13.52
N TYR A 191 -10.58 6.98 -12.76
CA TYR A 191 -10.53 8.10 -11.82
C TYR A 191 -9.07 8.43 -11.61
N GLY A 192 -8.49 9.10 -12.60
CA GLY A 192 -7.05 9.36 -12.64
C GLY A 192 -6.26 8.20 -13.23
N ALA A 193 -5.08 7.93 -12.68
CA ALA A 193 -4.22 6.88 -13.22
C ALA A 193 -4.76 5.48 -12.96
N THR A 194 -5.68 5.33 -12.00
CA THR A 194 -6.30 4.04 -11.73
C THR A 194 -7.81 4.20 -11.80
N LYS A 195 -8.51 3.07 -11.71
CA LYS A 195 -9.96 3.10 -11.64
C LYS A 195 -10.41 3.20 -10.19
N PHE A 196 -11.62 3.75 -10.00
CA PHE A 196 -12.10 4.15 -8.69
C PHE A 196 -12.09 3.01 -7.69
N ASP A 197 -12.48 1.81 -8.10
CA ASP A 197 -12.53 0.71 -7.14
C ASP A 197 -11.13 0.29 -6.70
N VAL A 198 -10.12 0.50 -7.55
CA VAL A 198 -8.75 0.19 -7.14
C VAL A 198 -8.28 1.18 -6.08
N ARG A 199 -8.57 2.47 -6.30
CA ARG A 199 -8.24 3.47 -5.30
C ARG A 199 -8.96 3.20 -3.98
N ILE A 200 -10.28 2.97 -4.04
CA ILE A 200 -11.05 2.78 -2.82
C ILE A 200 -10.61 1.52 -2.09
N THR A 201 -10.33 0.44 -2.82
CA THR A 201 -9.87 -0.78 -2.15
C THR A 201 -8.54 -0.55 -1.44
N ALA A 202 -7.60 0.16 -2.09
CA ALA A 202 -6.34 0.45 -1.43
C ALA A 202 -6.53 1.35 -0.21
N ALA A 203 -7.41 2.35 -0.33
CA ALA A 203 -7.66 3.24 0.80
C ALA A 203 -8.22 2.47 1.98
N MET A 204 -9.11 1.51 1.71
CA MET A 204 -9.80 0.79 2.78
C MET A 204 -8.91 -0.28 3.40
N GLN A 205 -8.10 -0.97 2.58
CA GLN A 205 -7.20 -2.00 3.09
C GLN A 205 -5.98 -1.42 3.78
N GLY A 206 -5.62 -0.17 3.49
CA GLY A 206 -4.43 0.42 4.04
C GLY A 206 -4.61 1.14 5.37
N CYS A 207 -5.85 1.50 5.72
CA CYS A 207 -6.07 2.31 6.90
C CYS A 207 -5.94 1.45 8.15
N ASP A 208 -5.76 2.12 9.30
CA ASP A 208 -5.82 1.39 10.56
C ASP A 208 -7.25 1.13 10.99
N ALA A 209 -8.16 2.04 10.67
CA ALA A 209 -9.58 1.85 10.95
C ALA A 209 -10.40 2.55 9.88
N ILE A 210 -11.57 1.97 9.61
CA ILE A 210 -12.55 2.57 8.72
C ILE A 210 -13.46 3.46 9.55
N GLY A 211 -13.60 4.72 9.15
CA GLY A 211 -14.49 5.66 9.82
C GLY A 211 -15.70 5.94 8.93
N ILE A 212 -16.88 6.02 9.54
CA ILE A 212 -18.12 6.24 8.78
C ILE A 212 -19.02 7.20 9.55
N ARG A 213 -19.58 8.16 8.83
CA ARG A 213 -20.54 9.15 9.33
C ARG A 213 -21.95 8.55 9.40
N THR A 214 -22.11 7.56 10.28
CA THR A 214 -23.42 6.93 10.43
C THR A 214 -23.53 6.37 11.85
N CYS A 215 -24.58 5.58 12.09
CA CYS A 215 -24.88 5.06 13.41
C CYS A 215 -25.26 3.59 13.32
N ARG A 216 -25.09 2.89 14.45
CA ARG A 216 -25.42 1.47 14.50
C ARG A 216 -26.92 1.25 14.32
N GLU A 217 -27.74 2.18 14.83
CA GLU A 217 -29.18 2.00 14.81
C GLU A 217 -29.71 1.88 13.39
N LEU A 218 -29.15 2.67 12.47
CA LEU A 218 -29.60 2.63 11.08
C LEU A 218 -28.85 1.60 10.25
N GLU A 219 -27.55 1.38 10.52
CA GLU A 219 -26.71 0.65 9.58
C GLU A 219 -25.73 -0.33 10.24
N GLY A 220 -25.98 -0.75 11.48
CA GLY A 220 -25.11 -1.67 12.18
C GLY A 220 -24.62 -2.86 11.35
N PRO A 221 -25.55 -3.61 10.77
CA PRO A 221 -25.14 -4.79 9.99
C PRO A 221 -24.28 -4.46 8.78
N MET A 222 -24.49 -3.32 8.14
CA MET A 222 -23.60 -2.90 7.05
C MET A 222 -22.19 -2.63 7.56
N CYS A 223 -22.08 -1.97 8.71
CA CYS A 223 -20.77 -1.69 9.28
C CYS A 223 -20.04 -2.99 9.64
N ASP A 224 -20.75 -3.94 10.24
CA ASP A 224 -20.14 -5.23 10.56
C ASP A 224 -19.65 -5.93 9.30
N TYR A 225 -20.45 -5.88 8.23
CA TYR A 225 -20.05 -6.46 6.95
C TYR A 225 -18.79 -5.80 6.41
N LEU A 226 -18.73 -4.47 6.46
CA LEU A 226 -17.52 -3.77 6.04
C LEU A 226 -16.33 -4.14 6.91
N SER A 227 -16.55 -4.29 8.22
CA SER A 227 -15.45 -4.69 9.10
C SER A 227 -14.95 -6.08 8.74
N ALA A 228 -15.87 -7.02 8.47
CA ALA A 228 -15.49 -8.36 8.09
C ALA A 228 -14.80 -8.39 6.73
N GLN A 229 -15.34 -7.65 5.75
CA GLN A 229 -14.80 -7.70 4.40
C GLN A 229 -13.36 -7.20 4.34
N TYR A 230 -13.05 -6.13 5.06
CA TYR A 230 -11.73 -5.54 5.04
C TYR A 230 -10.87 -5.95 6.22
N ASN A 231 -11.43 -6.71 7.16
CA ASN A 231 -10.74 -7.10 8.39
C ASN A 231 -10.19 -5.87 9.10
N LYS A 232 -11.08 -4.90 9.33
CA LYS A 232 -10.69 -3.64 9.94
C LYS A 232 -11.75 -3.24 10.97
N PRO A 233 -11.36 -2.57 12.04
CA PRO A 233 -12.36 -1.94 12.90
C PRO A 233 -13.10 -0.85 12.14
N VAL A 234 -14.38 -0.69 12.45
CA VAL A 234 -15.19 0.38 11.89
C VAL A 234 -15.57 1.31 13.03
N PHE A 235 -15.16 2.57 12.93
CA PHE A 235 -15.48 3.59 13.92
C PHE A 235 -16.63 4.45 13.41
N LEU A 236 -17.68 4.57 14.21
CA LEU A 236 -18.82 5.40 13.85
C LEU A 236 -18.76 6.73 14.61
N SER A 237 -18.81 7.83 13.86
CA SER A 237 -18.84 9.17 14.42
C SER A 237 -20.25 9.66 14.71
N GLY A 238 -21.27 8.90 14.32
CA GLY A 238 -22.61 9.44 14.23
C GLY A 238 -22.71 10.36 13.02
N PRO A 239 -23.90 10.94 12.79
CA PRO A 239 -24.11 11.67 11.53
C PRO A 239 -23.45 13.04 11.48
N VAL A 240 -22.91 13.55 12.59
CA VAL A 240 -22.17 14.81 12.63
C VAL A 240 -22.97 15.91 11.92
N LEU A 241 -24.18 16.16 12.39
CA LEU A 241 -25.05 17.11 11.71
C LEU A 241 -24.68 18.54 12.11
N PRO A 242 -24.54 19.46 11.16
CA PRO A 242 -24.16 20.83 11.51
C PRO A 242 -25.31 21.56 12.19
N GLU A 243 -24.95 22.42 13.14
CA GLU A 243 -25.93 23.26 13.82
C GLU A 243 -26.71 24.09 12.81
N SER A 244 -28.01 24.17 13.02
CA SER A 244 -28.88 24.91 12.11
C SER A 244 -28.74 26.41 12.33
N PRO A 245 -28.77 27.20 11.25
CA PRO A 245 -28.79 28.67 11.41
C PRO A 245 -29.89 29.12 12.35
N LYS A 246 -29.61 30.20 13.07
CA LYS A 246 -30.41 30.70 14.17
C LYS A 246 -31.27 31.87 13.73
N GLY A 247 -32.37 32.09 14.45
CA GLY A 247 -33.13 33.28 14.21
C GLY A 247 -34.57 32.99 13.89
N PRO A 248 -35.40 34.02 13.91
CA PRO A 248 -36.83 33.82 13.64
C PRO A 248 -37.08 33.44 12.18
N LEU A 249 -38.05 32.55 11.98
CA LEU A 249 -38.52 32.25 10.64
C LEU A 249 -39.00 33.52 9.95
N GLU A 250 -38.58 33.71 8.70
CA GLU A 250 -39.09 34.76 7.84
C GLU A 250 -40.58 34.96 8.04
N GLU A 251 -40.95 36.18 8.44
CA GLU A 251 -42.31 36.43 8.89
C GLU A 251 -43.33 36.09 7.82
N LYS A 252 -43.01 36.38 6.55
CA LYS A 252 -43.95 36.10 5.45
C LYS A 252 -44.28 34.62 5.38
N TRP A 253 -43.30 33.77 5.67
CA TRP A 253 -43.62 32.36 5.74
C TRP A 253 -44.43 32.05 7.02
N GLU A 254 -44.22 32.81 8.08
CA GLU A 254 -44.95 32.62 9.32
C GLU A 254 -46.43 32.99 9.14
N LYS A 255 -46.68 34.10 8.46
CA LYS A 255 -48.03 34.54 8.19
C LYS A 255 -48.73 33.56 7.26
N TRP A 256 -47.96 32.92 6.40
CA TRP A 256 -48.50 31.94 5.47
C TRP A 256 -48.75 30.62 6.11
N LEU A 257 -47.77 30.08 6.80
CA LEU A 257 -47.98 28.79 7.44
C LEU A 257 -49.12 28.86 8.49
N ASN A 258 -49.26 30.00 9.15
CA ASN A 258 -50.28 30.18 10.16
C ASN A 258 -51.69 30.03 9.61
N LYS A 259 -51.83 30.26 8.30
CA LYS A 259 -53.13 30.15 7.63
C LYS A 259 -53.44 28.71 7.27
N PHE A 260 -53.15 27.79 8.19
CA PHE A 260 -53.39 26.37 7.96
C PHE A 260 -53.47 25.60 9.28
N GLU A 261 -54.15 24.46 9.26
CA GLU A 261 -54.28 23.63 10.44
C GLU A 261 -52.95 22.96 10.76
N PRO A 262 -52.71 22.61 12.02
CA PRO A 262 -51.45 21.93 12.35
C PRO A 262 -51.27 20.67 11.52
N LYS A 263 -50.03 20.40 11.16
CA LYS A 263 -49.64 19.14 10.51
C LYS A 263 -50.30 18.96 9.15
N SER A 264 -50.72 20.05 8.51
CA SER A 264 -51.49 19.95 7.28
C SER A 264 -50.71 20.28 6.02
N VAL A 265 -49.60 21.01 6.14
CA VAL A 265 -48.86 21.53 4.99
C VAL A 265 -47.78 20.54 4.57
N VAL A 266 -47.63 20.34 3.27
CA VAL A 266 -46.62 19.45 2.71
C VAL A 266 -45.45 20.31 2.23
N TYR A 267 -44.28 20.10 2.83
CA TYR A 267 -43.06 20.82 2.47
C TYR A 267 -42.19 19.94 1.58
N CYS A 268 -41.55 20.57 0.60
CA CYS A 268 -40.75 19.83 -0.37
C CYS A 268 -39.46 20.60 -0.65
N ALA A 269 -38.33 19.88 -0.63
CA ALA A 269 -37.05 20.43 -1.03
C ALA A 269 -36.12 19.28 -1.37
N PHE A 270 -35.28 19.47 -2.39
CA PHE A 270 -34.35 18.46 -2.86
C PHE A 270 -32.88 18.85 -2.62
N GLY A 271 -32.63 19.63 -1.56
CA GLY A 271 -31.28 19.96 -1.20
C GLY A 271 -30.68 21.04 -2.07
N SER A 272 -29.43 21.38 -1.75
CA SER A 272 -28.70 22.40 -2.48
C SER A 272 -27.69 21.79 -3.44
N GLN A 273 -28.16 20.98 -4.31
CA GLN A 273 -27.38 20.77 -5.45
C GLN A 273 -28.32 20.54 -6.58
N MET A 274 -29.36 19.78 -6.35
CA MET A 274 -30.20 19.48 -7.52
C MET A 274 -30.77 20.68 -8.24
N ILE A 275 -30.75 20.59 -9.57
CA ILE A 275 -31.53 21.44 -10.45
C ILE A 275 -32.30 20.51 -11.37
N LEU A 276 -33.62 20.65 -11.37
CA LEU A 276 -34.46 19.79 -12.21
C LEU A 276 -34.48 20.30 -13.64
N GLN A 277 -34.74 19.39 -14.58
CA GLN A 277 -35.15 19.83 -15.90
C GLN A 277 -36.54 20.44 -15.80
N LYS A 278 -36.86 21.34 -16.74
CA LYS A 278 -38.16 22.01 -16.71
C LYS A 278 -39.32 21.00 -16.72
N ASN A 279 -39.21 19.95 -17.53
CA ASN A 279 -40.33 19.02 -17.65
C ASN A 279 -40.64 18.32 -16.32
N GLN A 280 -39.60 17.85 -15.61
CA GLN A 280 -39.82 17.21 -14.31
C GLN A 280 -40.26 18.23 -13.26
N PHE A 281 -39.74 19.45 -13.34
CA PHE A 281 -40.19 20.50 -12.43
C PHE A 281 -41.68 20.75 -12.56
N GLN A 282 -42.16 20.90 -13.80
CA GLN A 282 -43.58 21.15 -14.00
C GLN A 282 -44.41 19.97 -13.52
N GLU A 283 -43.97 18.74 -13.84
CA GLU A 283 -44.67 17.56 -13.38
C GLU A 283 -44.75 17.50 -11.86
N LEU A 284 -43.67 17.89 -11.17
CA LEU A 284 -43.66 17.93 -9.72
C LEU A 284 -44.71 18.89 -9.17
N VAL A 285 -44.70 20.15 -9.65
CA VAL A 285 -45.61 21.12 -9.07
C VAL A 285 -47.06 20.77 -9.40
N LEU A 286 -47.30 20.19 -10.57
CA LEU A 286 -48.65 19.73 -10.88
C LEU A 286 -49.07 18.60 -9.95
N GLY A 287 -48.11 17.78 -9.52
CA GLY A 287 -48.42 16.75 -8.53
C GLY A 287 -48.87 17.34 -7.21
N PHE A 288 -48.16 18.37 -6.75
CA PHE A 288 -48.58 19.04 -5.51
C PHE A 288 -49.95 19.69 -5.67
N GLU A 289 -50.21 20.30 -6.82
CA GLU A 289 -51.53 20.88 -7.05
C GLU A 289 -52.62 19.82 -6.94
N MET A 290 -52.37 18.63 -7.51
CA MET A 290 -53.38 17.57 -7.54
C MET A 290 -53.79 17.09 -6.14
N THR A 291 -52.90 17.17 -5.16
CA THR A 291 -53.21 16.61 -3.85
C THR A 291 -54.37 17.32 -3.16
N GLY A 292 -54.66 18.57 -3.55
CA GLY A 292 -55.62 19.36 -2.83
C GLY A 292 -55.16 19.82 -1.46
N LEU A 293 -53.91 19.57 -1.11
CA LEU A 293 -53.39 19.95 0.19
C LEU A 293 -52.52 21.19 0.07
N PRO A 294 -52.37 21.95 1.16
CA PRO A 294 -51.44 23.08 1.14
C PRO A 294 -50.02 22.58 0.96
N PHE A 295 -49.23 23.33 0.18
CA PHE A 295 -47.86 22.90 -0.05
C PHE A 295 -46.92 24.08 -0.12
N PHE A 296 -45.67 23.80 0.25
CA PHE A 296 -44.58 24.76 0.22
C PHE A 296 -43.39 24.06 -0.42
N VAL A 297 -43.08 24.44 -1.65
CA VAL A 297 -42.05 23.80 -2.45
C VAL A 297 -40.88 24.76 -2.59
N ALA A 298 -39.72 24.35 -2.09
CA ALA A 298 -38.50 25.16 -2.16
C ALA A 298 -37.53 24.45 -3.10
N LEU A 299 -37.51 24.86 -4.35
CA LEU A 299 -36.64 24.27 -5.35
C LEU A 299 -35.95 25.37 -6.12
N SER A 300 -34.76 25.06 -6.63
CA SER A 300 -34.12 25.95 -7.58
C SER A 300 -34.94 26.00 -8.86
N LYS A 301 -34.99 27.18 -9.48
CA LYS A 301 -35.54 27.26 -10.82
C LYS A 301 -34.88 26.20 -11.70
N PRO A 302 -35.63 25.57 -12.60
CA PRO A 302 -35.04 24.51 -13.42
C PRO A 302 -34.08 25.07 -14.46
N HIS A 303 -33.28 24.17 -15.02
CA HIS A 303 -32.30 24.53 -16.04
C HIS A 303 -32.92 25.39 -17.14
N GLY A 304 -32.31 26.54 -17.41
CA GLY A 304 -32.73 27.40 -18.50
C GLY A 304 -33.81 28.39 -18.15
N ALA A 305 -34.38 28.31 -16.94
CA ALA A 305 -35.48 29.19 -16.57
C ALA A 305 -34.96 30.57 -16.17
N ASP A 306 -35.79 31.59 -16.39
CA ASP A 306 -35.49 32.92 -15.88
C ASP A 306 -35.75 33.00 -14.38
N SER A 307 -36.73 32.23 -13.91
CA SER A 307 -37.22 32.31 -12.55
C SER A 307 -38.14 31.12 -12.33
N ILE A 308 -38.54 30.92 -11.08
CA ILE A 308 -39.54 29.89 -10.79
C ILE A 308 -40.84 30.19 -11.53
N GLU A 309 -41.27 31.45 -11.52
CA GLU A 309 -42.57 31.78 -12.09
C GLU A 309 -42.58 31.62 -13.60
N GLU A 310 -41.44 31.89 -14.25
CA GLU A 310 -41.38 31.73 -15.69
C GLU A 310 -41.39 30.26 -16.12
N ALA A 311 -41.05 29.34 -15.21
CA ALA A 311 -41.01 27.92 -15.54
C ALA A 311 -42.25 27.15 -15.11
N LEU A 312 -43.13 27.78 -14.35
CA LEU A 312 -44.35 27.10 -13.92
C LEU A 312 -45.25 26.85 -15.12
N PRO A 313 -46.06 25.79 -15.09
CA PRO A 313 -46.94 25.51 -16.24
C PRO A 313 -48.08 26.52 -16.30
N GLU A 314 -48.64 26.66 -17.51
CA GLU A 314 -49.55 27.78 -17.73
C GLU A 314 -50.78 27.64 -16.86
N GLY A 315 -51.22 28.75 -16.27
CA GLY A 315 -52.40 28.76 -15.42
C GLY A 315 -52.17 28.28 -14.00
N PHE A 316 -50.98 27.79 -13.69
CA PHE A 316 -50.68 27.26 -12.37
C PHE A 316 -51.02 28.25 -11.26
N LEU A 317 -50.32 29.35 -11.19
CA LEU A 317 -50.48 30.26 -10.06
C LEU A 317 -51.91 30.65 -9.60
N GLU A 318 -52.81 30.95 -10.47
CA GLU A 318 -54.22 31.01 -10.11
C GLU A 318 -54.76 29.62 -9.76
N ARG A 319 -54.82 28.73 -10.67
CA ARG A 319 -55.54 27.63 -10.18
C ARG A 319 -55.24 27.51 -8.70
N VAL A 320 -53.97 27.64 -8.32
CA VAL A 320 -53.55 27.28 -6.95
C VAL A 320 -53.87 28.39 -5.95
N GLY A 321 -53.74 29.65 -6.35
CA GLY A 321 -54.05 30.74 -5.46
C GLY A 321 -53.13 30.72 -4.25
N ASP A 322 -53.73 30.89 -3.07
CA ASP A 322 -53.00 30.98 -1.82
C ASP A 322 -52.78 29.64 -1.14
N ARG A 323 -53.05 28.53 -1.83
CA ARG A 323 -52.96 27.21 -1.20
C ARG A 323 -51.58 26.58 -1.31
N GLY A 324 -50.73 27.09 -2.21
CA GLY A 324 -49.38 26.61 -2.32
C GLY A 324 -48.40 27.73 -2.60
N VAL A 325 -47.15 27.48 -2.21
CA VAL A 325 -46.04 28.36 -2.51
C VAL A 325 -44.99 27.55 -3.25
N VAL A 326 -44.44 28.11 -4.33
CA VAL A 326 -43.25 27.58 -4.98
C VAL A 326 -42.23 28.70 -4.98
N HIS A 327 -41.10 28.49 -4.32
CA HIS A 327 -40.11 29.54 -4.08
C HIS A 327 -38.73 29.07 -4.50
N GLY A 328 -38.04 29.89 -5.29
CA GLY A 328 -36.72 29.59 -5.80
C GLY A 328 -35.57 30.21 -5.05
N GLY A 329 -35.85 31.04 -4.03
CA GLY A 329 -34.79 31.59 -3.20
C GLY A 329 -34.52 30.75 -1.96
N TRP A 330 -33.46 31.12 -1.24
CA TRP A 330 -33.06 30.34 -0.08
C TRP A 330 -34.13 30.40 1.01
N VAL A 331 -34.39 29.26 1.66
CA VAL A 331 -35.36 29.19 2.74
C VAL A 331 -34.74 28.53 3.96
N GLN A 332 -35.32 28.84 5.12
CA GLN A 332 -34.90 28.31 6.42
C GLN A 332 -35.58 26.97 6.62
N GLN A 333 -34.98 25.92 6.04
CA GLN A 333 -35.62 24.61 6.02
C GLN A 333 -35.92 24.09 7.42
N THR A 334 -34.96 24.23 8.34
CA THR A 334 -35.17 23.74 9.70
C THR A 334 -36.35 24.42 10.35
N GLN A 335 -36.38 25.76 10.32
CA GLN A 335 -37.49 26.50 10.93
C GLN A 335 -38.81 26.16 10.25
N ILE A 336 -38.79 25.94 8.94
CA ILE A 336 -40.02 25.58 8.25
C ILE A 336 -40.50 24.21 8.70
N LEU A 337 -39.59 23.24 8.72
CA LEU A 337 -39.96 21.90 9.16
C LEU A 337 -40.45 21.89 10.62
N ASN A 338 -39.88 22.74 11.47
CA ASN A 338 -40.32 22.78 12.86
C ASN A 338 -41.63 23.52 13.06
N HIS A 339 -42.12 24.25 12.05
CA HIS A 339 -43.39 24.95 12.19
C HIS A 339 -44.53 23.95 12.36
N GLN A 340 -45.46 24.27 13.27
CA GLN A 340 -46.49 23.31 13.65
C GLN A 340 -47.42 22.96 12.50
N SER A 341 -47.48 23.81 11.47
CA SER A 341 -48.39 23.58 10.35
C SER A 341 -47.88 22.54 9.37
N VAL A 342 -46.58 22.25 9.39
CA VAL A 342 -45.98 21.33 8.41
C VAL A 342 -46.17 19.90 8.91
N GLY A 343 -46.67 19.03 8.04
CA GLY A 343 -46.92 17.65 8.44
C GLY A 343 -46.28 16.62 7.55
N CYS A 344 -45.64 17.06 6.47
CA CYS A 344 -45.03 16.13 5.53
C CYS A 344 -43.82 16.80 4.90
N PHE A 345 -42.77 16.00 4.66
CA PHE A 345 -41.53 16.45 4.05
C PHE A 345 -41.23 15.56 2.86
N VAL A 346 -41.36 16.10 1.65
CA VAL A 346 -40.99 15.40 0.44
C VAL A 346 -39.56 15.78 0.10
N SER A 347 -38.67 14.79 0.01
CA SER A 347 -37.27 15.08 -0.26
C SER A 347 -36.68 14.01 -1.17
N HIS A 348 -35.41 14.21 -1.49
CA HIS A 348 -34.63 13.29 -2.30
C HIS A 348 -33.85 12.29 -1.46
N CYS A 349 -34.02 12.32 -0.14
CA CYS A 349 -33.29 11.43 0.77
C CYS A 349 -31.78 11.56 0.63
N GLY A 350 -31.32 12.79 0.41
CA GLY A 350 -29.92 13.07 0.65
C GLY A 350 -29.61 12.93 2.11
N PHE A 351 -28.31 12.80 2.42
CA PHE A 351 -27.89 12.50 3.79
C PHE A 351 -28.51 13.46 4.80
N GLY A 352 -28.27 14.76 4.62
CA GLY A 352 -28.78 15.74 5.57
C GLY A 352 -30.30 15.75 5.61
N SER A 353 -30.94 15.64 4.45
CA SER A 353 -32.41 15.62 4.42
C SER A 353 -32.96 14.34 5.02
N MET A 354 -32.27 13.21 4.85
CA MET A 354 -32.68 11.97 5.51
C MET A 354 -32.74 12.16 7.02
N TRP A 355 -31.66 12.68 7.60
CA TRP A 355 -31.63 12.85 9.05
C TRP A 355 -32.65 13.88 9.52
N GLU A 356 -32.79 14.98 8.77
CA GLU A 356 -33.80 15.97 9.13
C GLU A 356 -35.20 15.35 9.12
N SER A 357 -35.48 14.51 8.12
CA SER A 357 -36.77 13.82 8.08
C SER A 357 -36.95 12.90 9.29
N LEU A 358 -35.94 12.09 9.59
CA LEU A 358 -36.04 11.16 10.71
C LEU A 358 -36.26 11.91 12.02
N LEU A 359 -35.57 13.02 12.21
CA LEU A 359 -35.64 13.75 13.46
C LEU A 359 -36.90 14.60 13.58
N SER A 360 -37.61 14.83 12.47
CA SER A 360 -38.84 15.60 12.49
C SER A 360 -40.01 14.71 12.89
N ASP A 361 -41.16 15.35 13.10
CA ASP A 361 -42.40 14.60 13.33
C ASP A 361 -43.32 14.64 12.12
N SER A 362 -42.77 14.93 10.95
CA SER A 362 -43.55 14.94 9.72
C SER A 362 -43.48 13.59 9.03
N GLN A 363 -44.50 13.29 8.25
CA GLN A 363 -44.47 12.12 7.39
C GLN A 363 -43.37 12.29 6.35
N ILE A 364 -42.82 11.17 5.88
CA ILE A 364 -41.65 11.19 5.00
C ILE A 364 -42.01 10.59 3.66
N VAL A 365 -41.78 11.36 2.60
CA VAL A 365 -42.02 10.95 1.21
C VAL A 365 -40.72 11.17 0.43
N LEU A 366 -40.24 10.13 -0.23
CA LEU A 366 -38.88 10.13 -0.77
C LEU A 366 -38.87 9.97 -2.29
N VAL A 367 -38.07 10.82 -2.94
CA VAL A 367 -37.91 10.84 -4.40
C VAL A 367 -36.42 10.82 -4.70
N PRO A 368 -35.72 9.71 -4.48
CA PRO A 368 -34.26 9.70 -4.63
C PRO A 368 -33.83 9.78 -6.08
N ARG A 369 -32.57 10.18 -6.29
CA ARG A 369 -32.02 10.19 -7.64
C ARG A 369 -30.72 9.39 -7.70
N LEU A 370 -29.77 9.71 -6.82
CA LEU A 370 -28.46 9.07 -6.81
C LEU A 370 -28.48 7.76 -6.02
N ALA A 371 -27.42 6.96 -6.25
CA ALA A 371 -27.32 5.65 -5.63
C ALA A 371 -27.46 5.69 -4.12
N ASP A 372 -26.73 6.59 -3.45
CA ASP A 372 -26.83 6.63 -1.99
C ASP A 372 -28.22 7.07 -1.57
N GLN A 373 -28.84 7.97 -2.32
CA GLN A 373 -30.19 8.41 -2.02
C GLN A 373 -31.18 7.26 -2.16
N ILE A 374 -31.01 6.43 -3.19
CA ILE A 374 -31.91 5.30 -3.37
C ILE A 374 -31.75 4.31 -2.23
N LEU A 375 -30.51 4.01 -1.85
CA LEU A 375 -30.30 3.03 -0.78
C LEU A 375 -30.79 3.56 0.55
N ASN A 376 -30.55 4.85 0.83
CA ASN A 376 -31.17 5.50 1.99
C ASN A 376 -32.69 5.38 1.94
N THR A 377 -33.26 5.56 0.75
CA THR A 377 -34.72 5.47 0.60
C THR A 377 -35.20 4.05 0.86
N ARG A 378 -34.49 3.04 0.37
CA ARG A 378 -34.89 1.66 0.63
C ARG A 378 -34.85 1.35 2.11
N LEU A 379 -33.83 1.85 2.81
CA LEU A 379 -33.77 1.66 4.26
C LEU A 379 -34.99 2.26 4.94
N LEU A 380 -35.29 3.52 4.66
CA LEU A 380 -36.39 4.18 5.35
C LEU A 380 -37.73 3.62 4.91
N ALA A 381 -37.94 3.46 3.60
CA ALA A 381 -39.27 3.10 3.10
C ALA A 381 -39.54 1.60 3.18
N GLU A 382 -38.53 0.77 2.87
CA GLU A 382 -38.74 -0.67 2.79
C GLU A 382 -38.28 -1.42 4.03
N GLU A 383 -37.14 -1.06 4.61
CA GLU A 383 -36.68 -1.78 5.79
C GLU A 383 -37.35 -1.26 7.07
N LEU A 384 -37.15 0.01 7.40
CA LEU A 384 -37.72 0.56 8.63
C LEU A 384 -39.19 0.89 8.51
N LYS A 385 -39.68 1.11 7.28
CA LYS A 385 -41.07 1.47 7.02
C LYS A 385 -41.49 2.70 7.82
N VAL A 386 -40.67 3.74 7.72
CA VAL A 386 -40.94 5.04 8.31
C VAL A 386 -41.24 6.08 7.25
N ALA A 387 -41.32 5.68 5.99
CA ALA A 387 -41.46 6.58 4.86
C ALA A 387 -42.09 5.82 3.71
N VAL A 388 -42.51 6.58 2.69
CA VAL A 388 -42.95 5.99 1.43
C VAL A 388 -42.06 6.51 0.32
N GLU A 389 -41.91 5.70 -0.73
CA GLU A 389 -41.09 6.07 -1.89
C GLU A 389 -42.01 6.31 -3.09
N VAL A 390 -41.72 7.36 -3.84
CA VAL A 390 -42.46 7.68 -5.06
C VAL A 390 -41.98 6.80 -6.21
N GLU A 391 -42.93 6.21 -6.94
CA GLU A 391 -42.54 5.33 -8.03
C GLU A 391 -41.97 6.16 -9.18
N ARG A 392 -41.01 5.58 -9.89
CA ARG A 392 -40.29 6.28 -10.95
C ARG A 392 -40.17 5.35 -12.15
N GLY A 393 -39.87 5.95 -13.31
CA GLY A 393 -39.56 5.20 -14.50
C GLY A 393 -38.10 4.78 -14.56
N ASP A 394 -37.74 4.11 -15.65
CA ASP A 394 -36.38 3.63 -15.81
C ASP A 394 -35.35 4.76 -15.89
N MET A 395 -35.74 5.96 -16.30
CA MET A 395 -34.82 7.08 -16.41
C MET A 395 -34.99 8.08 -15.28
N GLY A 396 -35.61 7.70 -14.16
CA GLY A 396 -35.73 8.61 -13.05
C GLY A 396 -37.00 9.42 -13.03
N TRP A 397 -37.73 9.45 -14.14
CA TRP A 397 -38.93 10.28 -14.25
C TRP A 397 -40.01 9.81 -13.30
N PHE A 398 -40.67 10.76 -12.63
CA PHE A 398 -41.84 10.44 -11.82
C PHE A 398 -43.02 11.30 -12.28
N SER A 399 -44.20 10.69 -12.34
CA SER A 399 -45.38 11.38 -12.82
C SER A 399 -46.06 12.14 -11.68
N LYS A 400 -46.90 13.11 -12.06
CA LYS A 400 -47.67 13.84 -11.07
C LYS A 400 -48.66 12.94 -10.36
N GLU A 401 -49.17 11.92 -11.05
CA GLU A 401 -50.14 11.02 -10.41
C GLU A 401 -49.48 10.19 -9.31
N ASP A 402 -48.25 9.74 -9.53
CA ASP A 402 -47.57 8.92 -8.54
C ASP A 402 -47.06 9.75 -7.37
N LEU A 403 -46.60 10.97 -7.63
CA LEU A 403 -46.23 11.86 -6.52
C LEU A 403 -47.45 12.19 -5.67
N CYS A 404 -48.57 12.53 -6.31
CA CYS A 404 -49.80 12.81 -5.58
C CYS A 404 -50.22 11.62 -4.73
N LYS A 405 -50.23 10.42 -5.33
CA LYS A 405 -50.60 9.20 -4.61
C LYS A 405 -49.71 8.96 -3.40
N ALA A 406 -48.40 9.18 -3.54
CA ALA A 406 -47.49 9.01 -2.41
C ALA A 406 -47.81 9.99 -1.28
N ILE A 407 -48.05 11.25 -1.61
CA ILE A 407 -48.39 12.25 -0.59
C ILE A 407 -49.72 11.89 0.07
N LYS A 408 -50.72 11.55 -0.75
CA LYS A 408 -52.03 11.15 -0.22
C LYS A 408 -51.91 9.95 0.70
N SER A 409 -51.03 9.01 0.35
CA SER A 409 -50.89 7.78 1.12
C SER A 409 -50.38 8.02 2.54
N VAL A 410 -49.66 9.13 2.78
CA VAL A 410 -49.22 9.44 4.13
C VAL A 410 -50.05 10.52 4.82
N MET A 411 -50.86 11.24 4.04
CA MET A 411 -51.70 12.30 4.57
C MET A 411 -53.09 11.78 4.95
N ASP A 412 -53.72 11.12 4.02
CA ASP A 412 -55.07 10.65 4.22
C ASP A 412 -55.13 10.03 5.60
N GLU A 413 -56.06 10.52 6.41
CA GLU A 413 -56.20 10.05 7.79
C GLU A 413 -56.73 8.64 7.86
N GLU A 414 -57.31 8.17 6.76
CA GLU A 414 -57.88 6.83 6.71
C GLU A 414 -56.98 5.88 5.92
N SER A 415 -55.69 6.19 5.86
CA SER A 415 -54.75 5.35 5.14
C SER A 415 -53.92 4.51 6.10
N GLU A 416 -54.01 3.19 5.98
CA GLU A 416 -53.27 2.29 6.84
C GLU A 416 -51.78 2.47 6.65
N VAL A 417 -51.34 2.69 5.41
CA VAL A 417 -49.91 2.87 5.17
C VAL A 417 -49.42 4.13 5.86
N GLY A 418 -50.25 5.19 5.84
CA GLY A 418 -49.89 6.41 6.55
C GLY A 418 -49.81 6.19 8.06
N LYS A 419 -50.73 5.39 8.60
CA LYS A 419 -50.72 5.11 10.03
C LYS A 419 -49.48 4.31 10.42
N LEU A 420 -49.10 3.34 9.60
CA LEU A 420 -47.96 2.48 9.89
C LEU A 420 -46.65 3.27 9.88
N VAL A 421 -46.41 4.05 8.82
CA VAL A 421 -45.14 4.76 8.75
C VAL A 421 -45.04 5.84 9.82
N LYS A 422 -46.16 6.46 10.19
CA LYS A 422 -46.14 7.44 11.27
C LYS A 422 -45.82 6.76 12.59
N LYS A 423 -46.42 5.60 12.84
CA LYS A 423 -46.14 4.84 14.05
C LYS A 423 -44.67 4.43 14.10
N ASN A 424 -44.15 3.86 13.00
CA ASN A 424 -42.75 3.47 12.97
C ASN A 424 -41.82 4.68 13.09
N HIS A 425 -42.15 5.77 12.41
CA HIS A 425 -41.31 6.96 12.47
C HIS A 425 -41.19 7.49 13.89
N ALA A 426 -42.31 7.55 14.62
CA ALA A 426 -42.28 8.02 16.00
C ALA A 426 -41.35 7.16 16.85
N LYS A 427 -41.44 5.83 16.70
CA LYS A 427 -40.52 4.93 17.40
C LYS A 427 -39.07 5.27 17.10
N TRP A 428 -38.73 5.41 15.82
CA TRP A 428 -37.34 5.65 15.44
C TRP A 428 -36.90 7.04 15.86
N ARG A 429 -37.79 8.03 15.77
CA ARG A 429 -37.44 9.38 16.21
C ARG A 429 -37.12 9.41 17.69
N GLU A 430 -37.90 8.68 18.48
CA GLU A 430 -37.65 8.63 19.92
C GLU A 430 -36.25 8.09 20.23
N THR A 431 -35.82 7.04 19.52
CA THR A 431 -34.46 6.56 19.68
C THR A 431 -33.44 7.63 19.30
N LEU A 432 -33.64 8.26 18.13
CA LEU A 432 -32.61 9.15 17.60
C LEU A 432 -32.51 10.48 18.33
N VAL A 433 -33.39 10.68 19.32
CA VAL A 433 -33.32 11.84 20.21
C VAL A 433 -33.15 11.39 21.66
N SER A 434 -32.72 10.14 21.87
CA SER A 434 -32.48 9.62 23.21
C SER A 434 -31.58 10.58 23.98
N PRO A 435 -31.38 10.36 25.27
CA PRO A 435 -30.59 11.34 26.03
C PRO A 435 -29.10 11.25 25.70
N GLY A 436 -28.57 12.24 25.01
CA GLY A 436 -27.17 12.26 24.65
C GLY A 436 -26.85 11.28 23.52
N TYR A 437 -27.75 11.20 22.55
CA TYR A 437 -27.57 10.29 21.42
C TYR A 437 -26.41 10.72 20.53
N MET A 438 -26.43 11.95 20.04
CA MET A 438 -25.38 12.39 19.12
C MET A 438 -24.06 12.51 19.84
N ASP A 439 -24.06 13.15 21.02
CA ASP A 439 -22.81 13.37 21.75
C ASP A 439 -22.14 12.05 22.14
N ASN A 440 -22.93 11.02 22.45
CA ASN A 440 -22.34 9.74 22.85
C ASN A 440 -21.59 9.09 21.69
N TYR A 441 -22.10 9.23 20.46
CA TYR A 441 -21.34 8.71 19.31
C TYR A 441 -20.00 9.41 19.18
N LEU A 442 -19.99 10.73 19.37
CA LEU A 442 -18.76 11.50 19.22
C LEU A 442 -17.73 11.12 20.28
N GLU A 443 -18.16 10.98 21.53
CA GLU A 443 -17.22 10.63 22.59
C GLU A 443 -16.77 9.19 22.45
N ASP A 444 -17.67 8.30 22.01
CA ASP A 444 -17.29 6.92 21.73
C ASP A 444 -16.28 6.85 20.59
N PHE A 445 -16.48 7.70 19.58
CA PHE A 445 -15.58 7.76 18.43
C PHE A 445 -14.18 8.19 18.87
N ILE A 446 -14.11 9.18 19.77
CA ILE A 446 -12.81 9.66 20.25
C ILE A 446 -12.06 8.57 21.00
N GLN A 447 -12.77 7.83 21.88
CA GLN A 447 -12.11 6.76 22.62
C GLN A 447 -11.57 5.70 21.67
N GLN A 448 -12.31 5.41 20.59
CA GLN A 448 -11.82 4.46 19.61
C GLN A 448 -10.55 4.97 18.95
N LEU A 449 -10.47 6.28 18.69
CA LEU A 449 -9.25 6.85 18.12
C LEU A 449 -8.06 6.63 19.05
N TYR A 450 -8.28 6.73 20.36
CA TYR A 450 -7.22 6.50 21.34
C TYR A 450 -6.72 5.06 21.36
N GLY A 451 -7.50 4.10 20.86
CA GLY A 451 -7.10 2.71 20.89
C GLY A 451 -6.58 2.17 19.58
N GLU B 1 -6.39 -30.50 -6.95
CA GLU B 1 -5.21 -29.75 -7.35
C GLU B 1 -5.60 -28.33 -7.79
N LYS B 2 -5.01 -27.34 -7.13
CA LYS B 2 -5.24 -25.95 -7.48
C LYS B 2 -4.64 -25.66 -8.86
N PRO B 3 -5.16 -24.65 -9.57
CA PRO B 3 -4.55 -24.30 -10.85
C PRO B 3 -3.13 -23.83 -10.61
N LYS B 4 -2.25 -24.14 -11.54
CA LYS B 4 -0.87 -23.69 -11.44
C LYS B 4 -0.81 -22.16 -11.56
N LEU B 5 0.24 -21.58 -10.98
CA LEU B 5 0.43 -20.14 -11.06
C LEU B 5 1.23 -19.79 -12.31
N HIS B 6 0.96 -18.60 -12.86
CA HIS B 6 1.84 -18.00 -13.86
C HIS B 6 2.51 -16.78 -13.22
N ILE B 7 3.82 -16.85 -13.08
CA ILE B 7 4.62 -15.82 -12.42
C ILE B 7 5.50 -15.16 -13.47
N THR B 8 5.48 -13.83 -13.51
CA THR B 8 6.41 -13.08 -14.34
C THR B 8 7.49 -12.48 -13.45
N MET B 9 8.74 -12.61 -13.88
CA MET B 9 9.90 -12.12 -13.15
C MET B 9 10.55 -10.96 -13.92
N PHE B 10 10.77 -9.83 -13.24
CA PHE B 10 11.49 -8.72 -13.88
C PHE B 10 12.55 -8.22 -12.91
N PRO B 11 13.73 -8.82 -12.91
CA PRO B 11 14.78 -8.42 -11.99
C PRO B 11 15.59 -7.23 -12.50
N TRP B 12 16.29 -6.59 -11.56
CA TRP B 12 17.30 -5.60 -11.89
C TRP B 12 18.30 -6.18 -12.89
N VAL B 13 18.79 -5.33 -13.80
CA VAL B 13 19.65 -5.79 -14.88
C VAL B 13 21.07 -6.00 -14.37
N ALA B 14 21.25 -7.05 -13.59
CA ALA B 14 22.58 -7.46 -13.15
C ALA B 14 22.58 -8.99 -13.06
N ILE B 15 23.69 -9.59 -13.52
CA ILE B 15 23.79 -11.05 -13.49
C ILE B 15 23.58 -11.55 -12.06
N GLY B 16 24.07 -10.81 -11.06
CA GLY B 16 23.93 -11.21 -9.68
C GLY B 16 22.51 -11.19 -9.15
N HIS B 17 21.59 -10.49 -9.83
CA HIS B 17 20.17 -10.56 -9.51
C HIS B 17 19.44 -11.58 -10.38
N ILE B 18 19.72 -11.57 -11.69
CA ILE B 18 19.03 -12.47 -12.61
C ILE B 18 19.27 -13.91 -12.24
N THR B 19 20.51 -14.25 -11.88
CA THR B 19 20.82 -15.66 -11.63
C THR B 19 20.02 -16.24 -10.47
N PRO B 20 19.93 -15.61 -9.30
CA PRO B 20 19.06 -16.19 -8.25
C PRO B 20 17.58 -16.16 -8.60
N PHE B 21 17.13 -15.22 -9.43
CA PHE B 21 15.75 -15.28 -9.89
C PHE B 21 15.52 -16.53 -10.73
N ILE B 22 16.48 -16.89 -11.57
CA ILE B 22 16.37 -18.11 -12.38
C ILE B 22 16.39 -19.35 -11.48
N HIS B 23 17.26 -19.38 -10.47
CA HIS B 23 17.28 -20.50 -9.55
C HIS B 23 15.91 -20.71 -8.89
N LEU B 24 15.26 -19.62 -8.46
CA LEU B 24 13.91 -19.73 -7.92
C LEU B 24 12.93 -20.16 -8.98
N ALA B 25 13.07 -19.64 -10.21
CA ALA B 25 12.19 -20.09 -11.29
C ALA B 25 12.28 -21.60 -11.48
N ASN B 26 13.49 -22.15 -11.44
CA ASN B 26 13.64 -23.61 -11.55
C ASN B 26 12.89 -24.34 -10.45
N GLU B 27 13.01 -23.86 -9.21
CA GLU B 27 12.33 -24.51 -8.10
C GLU B 27 10.82 -24.38 -8.22
N LEU B 28 10.33 -23.27 -8.79
CA LEU B 28 8.90 -23.11 -8.97
C LEU B 28 8.39 -23.99 -10.10
N ALA B 29 9.13 -24.05 -11.20
CA ALA B 29 8.72 -24.87 -12.34
C ALA B 29 8.80 -26.36 -12.00
N LYS B 30 9.70 -26.74 -11.09
CA LYS B 30 9.72 -28.11 -10.62
C LYS B 30 8.38 -28.52 -10.04
N ARG B 31 7.63 -27.56 -9.48
CA ARG B 31 6.31 -27.84 -8.96
C ARG B 31 5.20 -27.53 -9.96
N GLY B 32 5.55 -27.28 -11.22
CA GLY B 32 4.58 -27.18 -12.28
C GLY B 32 4.13 -25.78 -12.65
N HIS B 33 4.68 -24.75 -12.03
CA HIS B 33 4.25 -23.39 -12.31
C HIS B 33 4.96 -22.83 -13.53
N SER B 34 4.25 -21.95 -14.24
CA SER B 34 4.78 -21.30 -15.43
C SER B 34 5.47 -20.01 -15.02
N ILE B 35 6.68 -19.80 -15.55
CA ILE B 35 7.46 -18.61 -15.25
C ILE B 35 7.84 -17.94 -16.56
N SER B 36 7.56 -16.65 -16.68
CA SER B 36 8.10 -15.81 -17.74
C SER B 36 9.13 -14.88 -17.13
N ILE B 37 10.32 -14.83 -17.71
CA ILE B 37 11.44 -14.07 -17.17
C ILE B 37 11.86 -13.05 -18.22
N LEU B 38 11.79 -11.77 -17.86
CA LEU B 38 12.06 -10.66 -18.76
C LEU B 38 13.48 -10.15 -18.47
N ILE B 39 14.41 -10.39 -19.38
CA ILE B 39 15.81 -10.00 -19.21
C ILE B 39 16.39 -9.55 -20.54
N PRO B 40 17.50 -8.82 -20.51
CA PRO B 40 18.11 -8.36 -21.77
C PRO B 40 18.82 -9.49 -22.51
N LYS B 41 19.14 -9.20 -23.77
CA LYS B 41 19.69 -10.20 -24.69
C LYS B 41 20.99 -10.79 -24.16
N LYS B 42 21.95 -9.93 -23.79
CA LYS B 42 23.27 -10.43 -23.38
C LYS B 42 23.18 -11.32 -22.15
N ALA B 43 22.34 -10.95 -21.19
CA ALA B 43 22.16 -11.81 -20.01
C ALA B 43 21.61 -13.17 -20.41
N HIS B 44 20.65 -13.19 -21.34
CA HIS B 44 20.06 -14.45 -21.77
C HIS B 44 21.09 -15.34 -22.45
N THR B 45 21.98 -14.74 -23.26
CA THR B 45 23.05 -15.51 -23.89
C THR B 45 23.93 -16.16 -22.84
N GLN B 46 24.18 -15.47 -21.74
CA GLN B 46 25.08 -15.99 -20.72
C GLN B 46 24.39 -16.96 -19.77
N LEU B 47 23.08 -16.83 -19.59
CA LEU B 47 22.38 -17.56 -18.55
C LEU B 47 21.32 -18.53 -19.03
N GLY B 48 21.00 -18.55 -20.34
CA GLY B 48 19.87 -19.35 -20.81
C GLY B 48 20.02 -20.84 -20.55
N HIS B 49 21.26 -21.34 -20.52
CA HIS B 49 21.48 -22.75 -20.26
C HIS B 49 21.04 -23.17 -18.85
N ASN B 50 20.80 -22.20 -17.95
CA ASN B 50 20.39 -22.52 -16.58
C ASN B 50 18.94 -22.97 -16.49
N ASN B 51 18.18 -22.87 -17.57
CA ASN B 51 16.75 -23.20 -17.57
C ASN B 51 16.58 -24.72 -17.58
N LEU B 52 16.15 -25.27 -16.45
CA LEU B 52 15.97 -26.70 -16.31
C LEU B 52 14.57 -27.17 -16.71
N TYR B 53 13.63 -26.25 -16.98
CA TYR B 53 12.24 -26.59 -17.29
C TYR B 53 11.78 -25.76 -18.47
N PRO B 54 12.30 -26.05 -19.67
CA PRO B 54 12.05 -25.15 -20.81
C PRO B 54 10.59 -25.06 -21.23
N ASP B 55 9.75 -26.07 -20.93
CA ASP B 55 8.32 -25.93 -21.25
C ASP B 55 7.63 -24.94 -20.32
N LEU B 56 8.15 -24.73 -19.12
CA LEU B 56 7.46 -23.93 -18.12
C LEU B 56 8.10 -22.58 -17.90
N ILE B 57 9.40 -22.46 -18.14
CA ILE B 57 10.16 -21.23 -17.95
C ILE B 57 10.48 -20.67 -19.33
N LYS B 58 9.94 -19.50 -19.64
CA LYS B 58 10.14 -18.85 -20.93
C LYS B 58 10.80 -17.50 -20.74
N PHE B 59 11.90 -17.28 -21.44
CA PHE B 59 12.55 -15.98 -21.43
C PHE B 59 11.95 -15.09 -22.49
N HIS B 60 11.78 -13.82 -22.15
CA HIS B 60 11.37 -12.79 -23.09
C HIS B 60 12.43 -11.70 -23.07
N ILE B 61 12.96 -11.37 -24.24
CA ILE B 61 14.08 -10.44 -24.34
C ILE B 61 13.56 -9.01 -24.33
N VAL B 62 14.05 -8.22 -23.39
CA VAL B 62 13.72 -6.81 -23.26
C VAL B 62 14.93 -5.99 -23.66
N THR B 63 14.72 -4.94 -24.45
CA THR B 63 15.81 -4.08 -24.87
C THR B 63 16.06 -2.99 -23.86
N VAL B 64 17.32 -2.70 -23.58
CA VAL B 64 17.71 -1.64 -22.65
C VAL B 64 17.93 -0.38 -23.50
N PRO B 65 17.07 0.63 -23.39
CA PRO B 65 17.18 1.78 -24.30
C PRO B 65 18.40 2.64 -24.00
N HIS B 66 18.91 3.28 -25.05
CA HIS B 66 20.07 4.13 -24.91
C HIS B 66 19.75 5.36 -24.10
N VAL B 67 20.71 5.81 -23.30
CA VAL B 67 20.53 6.99 -22.48
C VAL B 67 21.83 7.77 -22.32
N GLU B 68 21.73 9.10 -22.40
CA GLU B 68 22.87 9.94 -22.28
C GLU B 68 23.65 9.40 -21.14
N GLY B 69 24.90 9.12 -21.45
CA GLY B 69 25.84 8.62 -20.48
C GLY B 69 25.94 7.13 -20.42
N LEU B 70 25.07 6.43 -21.14
CA LEU B 70 25.11 4.98 -21.15
C LEU B 70 25.97 4.50 -22.30
N PRO B 71 27.02 3.74 -22.03
CA PRO B 71 27.85 3.22 -23.12
C PRO B 71 26.99 2.45 -24.11
N ALA B 72 27.32 2.60 -25.39
CA ALA B 72 26.64 1.86 -26.44
C ALA B 72 26.63 0.37 -26.13
N GLY B 73 25.45 -0.24 -26.24
CA GLY B 73 25.34 -1.67 -26.07
C GLY B 73 25.24 -2.14 -24.64
N ALA B 74 25.38 -1.25 -23.67
CA ALA B 74 25.32 -1.66 -22.27
C ALA B 74 23.93 -2.16 -21.92
N GLU B 75 23.87 -3.30 -21.23
CA GLU B 75 22.57 -3.86 -20.87
C GLU B 75 22.47 -4.19 -19.38
N THR B 76 23.59 -4.53 -18.75
CA THR B 76 23.60 -4.91 -17.34
C THR B 76 24.70 -4.17 -16.59
N ALA B 77 24.69 -4.35 -15.27
CA ALA B 77 25.66 -3.69 -14.40
C ALA B 77 27.09 -4.06 -14.73
N SER B 78 27.31 -5.27 -15.26
CA SER B 78 28.68 -5.67 -15.58
C SER B 78 29.19 -5.02 -16.86
N ASP B 79 28.34 -4.27 -17.57
CA ASP B 79 28.71 -3.53 -18.77
C ASP B 79 29.20 -2.11 -18.48
N ILE B 80 29.06 -1.62 -17.26
CA ILE B 80 29.34 -0.21 -16.96
C ILE B 80 30.34 -0.11 -15.82
N ASP B 81 30.87 1.09 -15.73
CA ASP B 81 31.67 1.60 -14.66
C ASP B 81 30.77 2.40 -13.74
N ILE B 82 31.30 2.76 -12.60
CA ILE B 82 30.60 3.59 -11.67
C ILE B 82 30.10 4.89 -12.29
N THR B 83 30.79 5.40 -13.29
CA THR B 83 30.38 6.65 -13.90
C THR B 83 29.04 6.56 -14.65
N ALA B 84 28.65 5.36 -15.06
CA ALA B 84 27.40 5.15 -15.77
C ALA B 84 26.30 4.59 -14.87
N LYS B 85 26.51 4.58 -13.55
CA LYS B 85 25.49 4.11 -12.62
C LYS B 85 24.11 4.72 -12.90
N ASN B 86 24.03 6.04 -12.96
CA ASN B 86 22.72 6.66 -13.09
C ASN B 86 22.12 6.48 -14.49
N PRO B 87 22.89 6.61 -15.58
CA PRO B 87 22.31 6.29 -16.89
C PRO B 87 21.74 4.88 -16.98
N LEU B 88 22.41 3.88 -16.40
CA LEU B 88 21.84 2.53 -16.45
C LEU B 88 20.53 2.45 -15.68
N ALA B 89 20.45 3.11 -14.51
CA ALA B 89 19.20 3.10 -13.76
C ALA B 89 18.08 3.78 -14.55
N ILE B 90 18.42 4.87 -15.25
CA ILE B 90 17.42 5.55 -16.09
C ILE B 90 16.99 4.67 -17.24
N ALA B 91 17.95 3.97 -17.87
CA ALA B 91 17.58 3.07 -18.97
C ALA B 91 16.68 1.95 -18.47
N PHE B 92 17.01 1.38 -17.30
CA PHE B 92 16.17 0.35 -16.69
C PHE B 92 14.75 0.84 -16.50
N ASP B 93 14.58 2.01 -15.86
CA ASP B 93 13.24 2.53 -15.67
C ASP B 93 12.56 2.82 -17.01
N ALA B 94 13.35 3.13 -18.06
CA ALA B 94 12.78 3.36 -19.37
C ALA B 94 12.30 2.09 -20.05
N MET B 95 12.48 0.94 -19.41
CA MET B 95 11.93 -0.33 -19.91
C MET B 95 10.44 -0.46 -19.59
N TYR B 96 9.88 0.50 -18.85
CA TYR B 96 8.47 0.51 -18.45
C TYR B 96 7.52 0.16 -19.58
N GLU B 97 7.61 0.87 -20.71
CA GLU B 97 6.66 0.64 -21.79
C GLU B 97 6.75 -0.77 -22.34
N GLN B 98 7.97 -1.28 -22.52
CA GLN B 98 8.16 -2.64 -23.00
C GLN B 98 7.58 -3.63 -22.02
N VAL B 99 7.86 -3.44 -20.73
CA VAL B 99 7.41 -4.38 -19.71
C VAL B 99 5.89 -4.35 -19.58
N GLU B 100 5.31 -3.14 -19.65
CA GLU B 100 3.86 -2.98 -19.68
C GLU B 100 3.23 -3.80 -20.81
N THR B 101 3.77 -3.66 -22.01
CA THR B 101 3.24 -4.39 -23.16
C THR B 101 3.32 -5.89 -22.93
N LEU B 102 4.47 -6.38 -22.45
CA LEU B 102 4.62 -7.81 -22.20
C LEU B 102 3.65 -8.29 -21.14
N LEU B 103 3.41 -7.47 -20.11
CA LEU B 103 2.52 -7.87 -19.02
C LEU B 103 1.07 -7.95 -19.49
N TYR B 104 0.66 -7.05 -20.38
CA TYR B 104 -0.67 -7.15 -20.95
C TYR B 104 -0.84 -8.43 -21.74
N GLY B 105 0.22 -8.89 -22.41
CA GLY B 105 0.17 -10.13 -23.16
C GLY B 105 0.28 -11.38 -22.31
N LEU B 106 1.11 -11.34 -21.26
CA LEU B 106 1.36 -12.55 -20.48
C LEU B 106 0.27 -12.81 -19.43
N LYS B 107 -0.43 -11.76 -18.98
CA LYS B 107 -1.48 -11.87 -17.97
C LYS B 107 -1.06 -12.72 -16.76
N PRO B 108 0.10 -12.43 -16.15
CA PRO B 108 0.54 -13.26 -15.03
C PRO B 108 -0.38 -13.11 -13.83
N ASP B 109 -0.34 -14.13 -12.97
CA ASP B 109 -1.02 -14.04 -11.69
C ASP B 109 -0.24 -13.17 -10.72
N ILE B 110 1.08 -13.30 -10.74
CA ILE B 110 1.97 -12.66 -9.77
C ILE B 110 3.19 -12.16 -10.54
N VAL B 111 3.70 -11.00 -10.14
CA VAL B 111 4.93 -10.46 -10.72
C VAL B 111 5.97 -10.29 -9.61
N PHE B 112 7.16 -10.85 -9.85
CA PHE B 112 8.30 -10.70 -8.96
C PHE B 112 9.20 -9.59 -9.48
N TYR B 113 9.64 -8.70 -8.60
CA TYR B 113 10.53 -7.61 -8.98
C TYR B 113 11.39 -7.25 -7.78
N ASP B 114 12.40 -6.41 -8.00
CA ASP B 114 13.12 -5.87 -6.85
C ASP B 114 13.31 -4.36 -6.99
N PHE B 115 14.11 -3.91 -7.94
CA PHE B 115 14.40 -2.48 -8.05
C PHE B 115 13.38 -1.72 -8.90
N ALA B 116 12.53 -2.43 -9.64
CA ALA B 116 11.54 -1.78 -10.51
C ALA B 116 10.37 -1.30 -9.66
N ASP B 117 10.58 -0.16 -8.99
CA ASP B 117 9.59 0.34 -8.03
C ASP B 117 8.28 0.72 -8.70
N TRP B 118 8.28 0.89 -10.02
CA TRP B 118 7.07 1.19 -10.79
C TRP B 118 6.22 -0.04 -11.10
N ILE B 119 6.71 -1.25 -10.84
CA ILE B 119 5.89 -2.45 -11.08
C ILE B 119 4.57 -2.37 -10.35
N PRO B 120 4.49 -1.94 -9.08
CA PRO B 120 3.17 -1.81 -8.43
C PRO B 120 2.21 -0.87 -9.13
N LYS B 121 2.71 0.14 -9.86
CA LYS B 121 1.80 1.00 -10.62
C LYS B 121 1.17 0.23 -11.77
N LEU B 122 1.97 -0.63 -12.42
CA LEU B 122 1.41 -1.49 -13.46
C LEU B 122 0.47 -2.54 -12.87
N ALA B 123 0.75 -3.01 -11.65
CA ALA B 123 -0.15 -3.94 -10.97
C ALA B 123 -1.53 -3.35 -10.79
N ALA B 124 -1.60 -2.08 -10.36
CA ALA B 124 -2.91 -1.45 -10.15
C ALA B 124 -3.68 -1.29 -11.46
N GLN B 125 -2.98 -1.07 -12.57
CA GLN B 125 -3.67 -0.89 -13.85
C GLN B 125 -4.03 -2.22 -14.51
N ILE B 126 -3.11 -3.18 -14.48
CA ILE B 126 -3.31 -4.40 -15.26
C ILE B 126 -4.00 -5.49 -14.43
N GLY B 127 -3.77 -5.53 -13.13
CA GLY B 127 -4.41 -6.55 -12.33
C GLY B 127 -3.55 -7.78 -12.18
N PHE B 128 -2.53 -7.68 -11.34
CA PHE B 128 -1.80 -8.84 -10.86
C PHE B 128 -1.30 -8.54 -9.47
N LYS B 129 -0.96 -9.59 -8.74
CA LYS B 129 -0.35 -9.46 -7.43
C LYS B 129 1.17 -9.37 -7.60
N THR B 130 1.85 -8.86 -6.57
CA THR B 130 3.29 -8.64 -6.71
C THR B 130 4.02 -9.08 -5.46
N VAL B 131 5.26 -9.53 -5.68
CA VAL B 131 6.22 -9.81 -4.62
C VAL B 131 7.49 -9.03 -4.93
N CYS B 132 7.92 -8.20 -3.98
CA CYS B 132 9.23 -7.58 -4.04
C CYS B 132 10.22 -8.58 -3.46
N TYR B 133 10.92 -9.29 -4.34
CA TYR B 133 11.73 -10.44 -3.95
C TYR B 133 13.19 -10.05 -3.85
N ASN B 134 13.80 -10.32 -2.70
CA ASN B 134 15.15 -9.85 -2.38
C ASN B 134 16.08 -11.05 -2.28
N VAL B 135 17.13 -11.07 -3.10
CA VAL B 135 17.95 -12.27 -3.25
C VAL B 135 19.09 -12.26 -2.24
N ILE B 136 18.95 -11.47 -1.18
CA ILE B 136 19.99 -11.30 -0.18
C ILE B 136 19.47 -11.66 1.20
N CYS B 137 20.22 -11.30 2.24
CA CYS B 137 19.84 -11.64 3.60
C CYS B 137 19.02 -10.51 4.23
N ALA B 138 18.19 -10.88 5.21
CA ALA B 138 17.25 -9.94 5.81
C ALA B 138 17.95 -8.82 6.56
N SER B 139 19.11 -9.08 7.16
CA SER B 139 19.74 -8.08 8.02
C SER B 139 20.11 -6.82 7.25
N CYS B 140 20.69 -6.97 6.06
CA CYS B 140 21.05 -5.80 5.27
C CYS B 140 19.81 -4.99 4.91
N MET B 141 18.71 -5.68 4.63
CA MET B 141 17.42 -5.01 4.44
C MET B 141 16.96 -4.28 5.70
N ALA B 142 17.07 -4.95 6.86
CA ALA B 142 16.50 -4.42 8.09
C ALA B 142 17.31 -3.27 8.67
N ILE B 143 18.64 -3.30 8.52
CA ILE B 143 19.48 -2.26 9.09
C ILE B 143 19.59 -1.04 8.20
N GLY B 144 19.07 -1.12 6.97
CA GLY B 144 19.25 -0.05 6.02
C GLY B 144 18.00 0.78 5.77
N ILE B 145 17.24 0.41 4.75
CA ILE B 145 16.15 1.26 4.25
C ILE B 145 14.86 0.73 4.87
N VAL B 146 14.55 1.26 6.05
CA VAL B 146 13.28 1.00 6.71
C VAL B 146 12.73 2.33 7.20
N PRO B 147 11.41 2.47 7.35
CA PRO B 147 10.85 3.75 7.78
C PRO B 147 11.43 4.29 9.07
N ALA B 148 11.84 3.40 9.99
CA ALA B 148 12.45 3.86 11.24
C ALA B 148 13.73 4.64 11.02
N ARG B 149 14.38 4.47 9.87
CA ARG B 149 15.58 5.24 9.55
C ARG B 149 15.18 6.43 8.68
N HIS B 150 15.39 7.63 9.20
CA HIS B 150 15.19 8.84 8.43
C HIS B 150 16.40 9.05 7.52
N ILE B 151 16.16 9.14 6.23
CA ILE B 151 17.22 9.38 5.25
C ILE B 151 16.91 10.72 4.57
N PRO B 152 17.77 11.73 4.72
CA PRO B 152 17.48 13.03 4.14
C PRO B 152 17.44 12.95 2.62
N LYS B 153 16.60 13.79 2.03
CA LYS B 153 16.45 13.78 0.57
C LYS B 153 17.54 14.58 -0.11
N ASP B 154 18.16 15.54 0.60
CA ASP B 154 18.99 16.55 -0.02
C ASP B 154 20.47 16.42 0.31
N ARG B 155 20.87 15.44 1.13
CA ARG B 155 22.26 15.31 1.52
C ARG B 155 22.59 13.84 1.76
N PRO B 156 23.85 13.44 1.61
CA PRO B 156 24.24 12.09 2.02
C PRO B 156 24.11 11.92 3.51
N LEU B 157 23.87 10.67 3.92
CA LEU B 157 23.97 10.33 5.33
C LEU B 157 25.40 10.49 5.80
N THR B 158 25.57 10.87 7.06
CA THR B 158 26.90 10.89 7.64
C THR B 158 27.29 9.50 8.09
N GLU B 159 28.60 9.30 8.28
CA GLU B 159 29.09 8.02 8.80
C GLU B 159 28.43 7.69 10.14
N GLU B 160 28.26 8.69 11.01
CA GLU B 160 27.63 8.40 12.30
C GLU B 160 26.17 8.00 12.15
N GLU B 161 25.45 8.58 11.18
CA GLU B 161 24.10 8.13 10.96
C GLU B 161 24.08 6.69 10.46
N LEU B 162 25.03 6.35 9.58
CA LEU B 162 25.07 5.02 8.97
C LEU B 162 25.39 3.94 10.00
N MET B 163 26.34 4.19 10.91
CA MET B 163 26.67 3.21 11.93
C MET B 163 25.53 2.95 12.92
N THR B 164 24.57 3.87 13.03
CA THR B 164 23.47 3.72 13.98
C THR B 164 22.35 2.89 13.38
N PRO B 165 22.01 1.74 13.96
CA PRO B 165 20.92 0.93 13.41
C PRO B 165 19.60 1.68 13.49
N PRO B 166 18.64 1.35 12.64
CA PRO B 166 17.33 2.00 12.72
C PRO B 166 16.65 1.68 14.04
N GLU B 167 15.85 2.62 14.53
CA GLU B 167 15.10 2.43 15.77
C GLU B 167 14.33 1.12 15.76
N GLY B 168 14.56 0.30 16.78
CA GLY B 168 13.86 -0.95 16.92
C GLY B 168 14.52 -2.13 16.22
N TYR B 169 15.58 -1.89 15.46
CA TYR B 169 16.33 -2.97 14.81
C TYR B 169 16.69 -4.04 15.83
N PRO B 170 16.31 -5.29 15.60
CA PRO B 170 16.21 -6.26 16.70
C PRO B 170 17.50 -6.96 17.09
N SER B 171 18.67 -6.38 16.79
CA SER B 171 19.92 -7.03 17.14
C SER B 171 20.94 -6.00 17.58
N SER B 172 21.69 -6.34 18.63
CA SER B 172 22.86 -5.57 19.04
C SER B 172 24.16 -6.23 18.60
N THR B 173 24.09 -7.39 17.97
CA THR B 173 25.29 -8.10 17.52
C THR B 173 25.50 -8.01 16.02
N VAL B 174 24.42 -8.08 15.24
CA VAL B 174 24.52 -8.03 13.78
C VAL B 174 24.44 -6.55 13.42
N VAL B 175 25.57 -5.86 13.63
CA VAL B 175 25.66 -4.42 13.42
C VAL B 175 27.03 -4.12 12.82
N LEU B 176 27.14 -2.93 12.24
CA LEU B 176 28.42 -2.48 11.74
C LEU B 176 29.18 -1.76 12.86
N ARG B 177 30.50 -1.74 12.76
CA ARG B 177 31.34 -1.09 13.76
C ARG B 177 32.20 -0.02 13.12
N GLY B 178 32.10 1.20 13.64
CA GLY B 178 33.01 2.30 13.32
C GLY B 178 33.15 2.60 11.83
N GLN B 179 34.36 2.51 11.28
CA GLN B 179 34.59 2.91 9.89
C GLN B 179 34.02 1.86 8.92
N GLU B 180 33.33 0.82 9.41
CA GLU B 180 32.58 -0.03 8.49
C GLU B 180 31.35 0.67 7.95
N ALA B 181 30.90 1.73 8.63
CA ALA B 181 29.64 2.38 8.26
C ALA B 181 29.62 2.82 6.79
N ARG B 182 30.78 3.15 6.23
CA ARG B 182 30.79 3.61 4.85
C ARG B 182 30.40 2.51 3.85
N THR B 183 30.49 1.22 4.25
CA THR B 183 30.02 0.15 3.38
C THR B 183 28.50 0.18 3.20
N LEU B 184 27.77 0.87 4.08
CA LEU B 184 26.33 0.97 3.97
C LEU B 184 25.89 2.23 3.23
N SER B 185 26.84 3.05 2.77
CA SER B 185 26.48 4.35 2.22
C SER B 185 25.65 4.26 0.95
N PHE B 186 25.63 3.10 0.30
CA PHE B 186 24.81 2.95 -0.90
C PHE B 186 23.33 3.18 -0.64
N ILE B 187 22.86 3.06 0.60
CA ILE B 187 21.41 3.07 0.84
C ILE B 187 20.79 4.42 0.46
N GLY B 188 21.57 5.49 0.50
CA GLY B 188 21.07 6.82 0.20
C GLY B 188 21.57 7.39 -1.11
N MET B 189 22.29 6.61 -1.91
CA MET B 189 22.90 7.08 -3.14
C MET B 189 21.85 7.45 -4.19
N ASP B 190 22.20 8.42 -5.03
CA ASP B 190 21.42 8.65 -6.24
C ASP B 190 21.45 7.39 -7.09
N TYR B 191 20.33 7.13 -7.78
CA TYR B 191 20.23 5.90 -8.57
C TYR B 191 19.22 6.11 -9.69
N GLY B 192 19.64 6.77 -10.76
CA GLY B 192 18.70 7.18 -11.78
C GLY B 192 18.02 8.48 -11.41
N ALA B 193 16.74 8.61 -11.73
CA ALA B 193 16.02 9.86 -11.47
C ALA B 193 15.73 10.08 -9.99
N THR B 194 15.79 9.05 -9.17
CA THR B 194 15.56 9.19 -7.73
C THR B 194 16.74 8.62 -6.97
N LYS B 195 16.70 8.79 -5.66
CA LYS B 195 17.72 8.19 -4.81
C LYS B 195 17.30 6.79 -4.39
N PHE B 196 18.31 5.97 -4.09
CA PHE B 196 18.12 4.53 -3.91
C PHE B 196 17.12 4.21 -2.80
N ASP B 197 17.15 4.95 -1.70
CA ASP B 197 16.23 4.63 -0.61
C ASP B 197 14.79 4.98 -0.98
N VAL B 198 14.60 5.97 -1.84
CA VAL B 198 13.23 6.29 -2.26
C VAL B 198 12.69 5.18 -3.14
N ARG B 199 13.50 4.69 -4.06
CA ARG B 199 13.13 3.57 -4.91
C ARG B 199 12.81 2.32 -4.09
N ILE B 200 13.71 1.95 -3.18
CA ILE B 200 13.52 0.73 -2.38
C ILE B 200 12.30 0.89 -1.46
N THR B 201 12.12 2.07 -0.86
CA THR B 201 10.94 2.27 -0.03
C THR B 201 9.67 2.10 -0.87
N ALA B 202 9.68 2.66 -2.09
CA ALA B 202 8.52 2.51 -2.96
C ALA B 202 8.34 1.06 -3.39
N ALA B 203 9.43 0.35 -3.69
CA ALA B 203 9.32 -1.05 -4.07
C ALA B 203 8.69 -1.87 -2.96
N MET B 204 9.10 -1.62 -1.71
CA MET B 204 8.62 -2.41 -0.58
C MET B 204 7.22 -2.03 -0.15
N GLN B 205 6.87 -0.74 -0.22
CA GLN B 205 5.53 -0.32 0.16
C GLN B 205 4.49 -0.65 -0.90
N GLY B 206 4.91 -0.83 -2.16
CA GLY B 206 3.97 -1.06 -3.24
C GLY B 206 3.62 -2.51 -3.47
N CYS B 207 4.44 -3.44 -2.95
CA CYS B 207 4.21 -4.85 -3.22
C CYS B 207 3.07 -5.39 -2.36
N ASP B 208 2.56 -6.56 -2.75
CA ASP B 208 1.62 -7.27 -1.89
C ASP B 208 2.33 -8.07 -0.80
N ALA B 209 3.54 -8.56 -1.09
CA ALA B 209 4.33 -9.26 -0.09
C ALA B 209 5.81 -9.04 -0.36
N ILE B 210 6.59 -9.02 0.71
CA ILE B 210 8.05 -8.97 0.63
C ILE B 210 8.59 -10.39 0.61
N GLY B 211 9.38 -10.71 -0.40
CA GLY B 211 10.01 -12.02 -0.52
C GLY B 211 11.50 -11.89 -0.22
N ILE B 212 12.04 -12.86 0.51
CA ILE B 212 13.44 -12.82 0.92
C ILE B 212 14.04 -14.21 0.81
N ARG B 213 15.23 -14.27 0.25
CA ARG B 213 15.98 -15.51 0.09
C ARG B 213 16.68 -15.91 1.40
N THR B 214 15.88 -16.21 2.42
CA THR B 214 16.49 -16.57 3.71
C THR B 214 15.53 -17.49 4.46
N CYS B 215 15.84 -17.72 5.74
CA CYS B 215 15.09 -18.66 6.57
C CYS B 215 14.86 -18.05 7.94
N ARG B 216 13.83 -18.54 8.63
CA ARG B 216 13.52 -18.05 9.96
C ARG B 216 14.60 -18.42 10.97
N GLU B 217 15.21 -19.59 10.81
CA GLU B 217 16.14 -20.07 11.83
C GLU B 217 17.30 -19.10 12.03
N LEU B 218 17.77 -18.51 10.93
CA LEU B 218 18.88 -17.57 10.95
C LEU B 218 18.43 -16.13 11.15
N GLU B 219 17.27 -15.75 10.59
CA GLU B 219 16.93 -14.34 10.50
C GLU B 219 15.48 -14.03 10.84
N GLY B 220 14.80 -14.91 11.59
CA GLY B 220 13.43 -14.70 11.98
C GLY B 220 13.11 -13.31 12.49
N PRO B 221 13.87 -12.83 13.49
CA PRO B 221 13.58 -11.49 14.04
C PRO B 221 13.75 -10.36 13.04
N MET B 222 14.72 -10.44 12.12
CA MET B 222 14.83 -9.43 11.08
C MET B 222 13.62 -9.43 10.16
N CYS B 223 13.12 -10.64 9.83
CA CYS B 223 11.94 -10.74 8.99
C CYS B 223 10.72 -10.14 9.66
N ASP B 224 10.50 -10.48 10.94
CA ASP B 224 9.38 -9.89 11.68
C ASP B 224 9.49 -8.37 11.72
N TYR B 225 10.70 -7.85 11.94
CA TYR B 225 10.92 -6.41 11.96
C TYR B 225 10.56 -5.78 10.63
N LEU B 226 11.00 -6.40 9.54
CA LEU B 226 10.68 -5.90 8.21
C LEU B 226 9.16 -5.89 7.98
N SER B 227 8.47 -6.94 8.42
CA SER B 227 7.03 -7.01 8.28
C SER B 227 6.34 -5.91 9.06
N ALA B 228 6.80 -5.66 10.29
CA ALA B 228 6.23 -4.58 11.11
C ALA B 228 6.52 -3.22 10.51
N GLN B 229 7.75 -3.00 10.07
CA GLN B 229 8.16 -1.70 9.55
C GLN B 229 7.38 -1.33 8.29
N TYR B 230 7.18 -2.29 7.40
CA TYR B 230 6.53 -1.99 6.12
C TYR B 230 5.05 -2.36 6.10
N ASN B 231 4.51 -2.94 7.17
CA ASN B 231 3.14 -3.42 7.22
C ASN B 231 2.84 -4.34 6.04
N LYS B 232 3.71 -5.34 5.86
CA LYS B 232 3.64 -6.26 4.74
C LYS B 232 3.92 -7.67 5.22
N PRO B 233 3.28 -8.68 4.61
CA PRO B 233 3.72 -10.05 4.84
C PRO B 233 5.12 -10.24 4.29
N VAL B 234 5.90 -11.08 4.98
CA VAL B 234 7.22 -11.48 4.50
C VAL B 234 7.16 -12.96 4.17
N PHE B 235 7.42 -13.29 2.91
CA PHE B 235 7.43 -14.66 2.43
C PHE B 235 8.89 -15.10 2.30
N LEU B 236 9.25 -16.20 2.95
CA LEU B 236 10.61 -16.72 2.88
C LEU B 236 10.68 -17.90 1.92
N SER B 237 11.58 -17.81 0.93
CA SER B 237 11.80 -18.89 -0.01
C SER B 237 12.85 -19.90 0.45
N GLY B 238 13.52 -19.65 1.57
CA GLY B 238 14.75 -20.36 1.86
C GLY B 238 15.85 -19.85 0.97
N PRO B 239 17.06 -20.39 1.14
CA PRO B 239 18.23 -19.81 0.44
C PRO B 239 18.30 -20.13 -1.05
N VAL B 240 17.47 -21.04 -1.56
CA VAL B 240 17.41 -21.37 -2.99
C VAL B 240 18.82 -21.62 -3.52
N LEU B 241 19.51 -22.60 -2.95
CA LEU B 241 20.89 -22.82 -3.33
C LEU B 241 20.94 -23.67 -4.60
N PRO B 242 21.74 -23.28 -5.60
CA PRO B 242 21.79 -24.06 -6.84
C PRO B 242 22.49 -25.38 -6.60
N GLU B 243 22.01 -26.41 -7.30
CA GLU B 243 22.62 -27.72 -7.22
C GLU B 243 24.10 -27.65 -7.57
N SER B 244 24.90 -28.41 -6.85
CA SER B 244 26.34 -28.42 -7.06
C SER B 244 26.68 -29.19 -8.33
N PRO B 245 27.59 -28.67 -9.17
CA PRO B 245 28.03 -29.44 -10.33
C PRO B 245 28.57 -30.80 -9.92
N LYS B 246 28.24 -31.82 -10.71
CA LYS B 246 28.57 -33.19 -10.35
C LYS B 246 29.70 -33.71 -11.21
N GLY B 247 30.59 -34.48 -10.59
CA GLY B 247 31.70 -35.11 -11.25
C GLY B 247 32.87 -35.28 -10.30
N PRO B 248 33.82 -36.13 -10.68
CA PRO B 248 34.92 -36.43 -9.77
C PRO B 248 35.84 -35.22 -9.61
N LEU B 249 36.33 -35.04 -8.38
CA LEU B 249 37.32 -34.02 -8.09
C LEU B 249 38.56 -34.22 -8.97
N GLU B 250 39.04 -33.12 -9.56
CA GLU B 250 40.32 -33.09 -10.26
C GLU B 250 41.37 -33.92 -9.55
N GLU B 251 41.90 -34.93 -10.24
CA GLU B 251 42.73 -35.93 -9.59
C GLU B 251 43.96 -35.31 -8.93
N LYS B 252 44.54 -34.29 -9.56
CA LYS B 252 45.73 -33.65 -9.00
C LYS B 252 45.43 -33.04 -7.64
N TRP B 253 44.22 -32.50 -7.45
CA TRP B 253 43.89 -31.96 -6.14
C TRP B 253 43.54 -33.07 -5.16
N GLU B 254 42.86 -34.12 -5.63
CA GLU B 254 42.61 -35.29 -4.79
C GLU B 254 43.92 -35.87 -4.26
N LYS B 255 44.91 -36.05 -5.14
CA LYS B 255 46.19 -36.62 -4.70
C LYS B 255 46.89 -35.69 -3.73
N TRP B 256 46.92 -34.40 -4.06
CA TRP B 256 47.56 -33.43 -3.18
C TRP B 256 46.89 -33.41 -1.82
N LEU B 257 45.56 -33.36 -1.78
CA LEU B 257 44.85 -33.33 -0.52
C LEU B 257 45.10 -34.61 0.29
N ASN B 258 45.19 -35.75 -0.40
CA ASN B 258 45.40 -37.04 0.26
C ASN B 258 46.74 -37.15 0.96
N LYS B 259 47.68 -36.23 0.76
CA LYS B 259 48.93 -36.30 1.51
C LYS B 259 48.74 -35.99 2.99
N PHE B 260 47.64 -35.36 3.37
CA PHE B 260 47.55 -34.75 4.69
C PHE B 260 46.58 -35.52 5.57
N GLU B 261 46.63 -35.20 6.86
CA GLU B 261 45.76 -35.84 7.84
C GLU B 261 44.33 -35.33 7.66
N PRO B 262 43.33 -36.11 8.09
CA PRO B 262 41.94 -35.65 7.98
C PRO B 262 41.75 -34.32 8.69
N LYS B 263 40.95 -33.45 8.07
CA LYS B 263 40.51 -32.18 8.68
C LYS B 263 41.68 -31.24 8.97
N SER B 264 42.80 -31.37 8.25
CA SER B 264 44.00 -30.61 8.56
C SER B 264 44.27 -29.46 7.60
N VAL B 265 43.68 -29.47 6.41
CA VAL B 265 43.98 -28.52 5.36
C VAL B 265 43.02 -27.34 5.46
N VAL B 266 43.54 -26.13 5.29
CA VAL B 266 42.75 -24.90 5.31
C VAL B 266 42.50 -24.45 3.87
N TYR B 267 41.22 -24.41 3.49
CA TYR B 267 40.82 -23.99 2.15
C TYR B 267 40.32 -22.55 2.19
N CYS B 268 40.66 -21.77 1.17
CA CYS B 268 40.30 -20.35 1.12
C CYS B 268 39.81 -19.98 -0.26
N ALA B 269 38.68 -19.27 -0.31
CA ALA B 269 38.20 -18.73 -1.57
C ALA B 269 37.25 -17.58 -1.26
N PHE B 270 37.30 -16.53 -2.09
CA PHE B 270 36.48 -15.35 -1.86
C PHE B 270 35.43 -15.16 -2.95
N GLY B 271 34.97 -16.26 -3.54
CA GLY B 271 33.90 -16.19 -4.52
C GLY B 271 34.37 -15.75 -5.90
N SER B 272 33.41 -15.70 -6.81
CA SER B 272 33.69 -15.53 -8.23
C SER B 272 33.91 -14.06 -8.61
N GLN B 273 33.40 -13.12 -7.81
CA GLN B 273 33.46 -11.71 -8.12
C GLN B 273 34.73 -11.01 -7.62
N MET B 274 35.01 -11.14 -6.33
CA MET B 274 36.02 -10.30 -5.70
C MET B 274 37.39 -10.51 -6.33
N ILE B 275 38.11 -9.40 -6.54
CA ILE B 275 39.51 -9.42 -6.97
C ILE B 275 40.31 -8.55 -6.00
N LEU B 276 41.37 -9.12 -5.45
CA LEU B 276 42.20 -8.41 -4.48
C LEU B 276 43.22 -7.51 -5.17
N GLN B 277 43.61 -6.45 -4.46
CA GLN B 277 44.82 -5.73 -4.81
C GLN B 277 46.03 -6.60 -4.52
N LYS B 278 47.14 -6.31 -5.22
CA LYS B 278 48.36 -7.08 -5.01
C LYS B 278 48.83 -7.03 -3.56
N ASN B 279 48.76 -5.87 -2.92
CA ASN B 279 49.32 -5.80 -1.56
C ASN B 279 48.53 -6.69 -0.60
N GLN B 280 47.20 -6.68 -0.68
CA GLN B 280 46.40 -7.55 0.18
C GLN B 280 46.54 -9.01 -0.21
N PHE B 281 46.69 -9.29 -1.52
CA PHE B 281 46.90 -10.66 -1.96
C PHE B 281 48.17 -11.25 -1.35
N GLN B 282 49.26 -10.50 -1.39
CA GLN B 282 50.51 -10.99 -0.80
C GLN B 282 50.39 -11.18 0.69
N GLU B 283 49.79 -10.21 1.39
CA GLU B 283 49.59 -10.32 2.83
C GLU B 283 48.78 -11.58 3.16
N LEU B 284 47.76 -11.87 2.37
CA LEU B 284 46.96 -13.06 2.59
C LEU B 284 47.78 -14.34 2.49
N VAL B 285 48.55 -14.50 1.40
CA VAL B 285 49.26 -15.77 1.23
C VAL B 285 50.37 -15.90 2.26
N LEU B 286 50.99 -14.79 2.66
CA LEU B 286 51.97 -14.86 3.73
C LEU B 286 51.32 -15.24 5.05
N GLY B 287 50.07 -14.82 5.27
CA GLY B 287 49.35 -15.25 6.45
C GLY B 287 49.14 -16.75 6.48
N PHE B 288 48.75 -17.34 5.35
CA PHE B 288 48.57 -18.78 5.30
C PHE B 288 49.90 -19.51 5.51
N GLU B 289 50.98 -19.01 4.89
CA GLU B 289 52.30 -19.59 5.13
C GLU B 289 52.65 -19.57 6.61
N MET B 290 52.34 -18.46 7.28
CA MET B 290 52.70 -18.28 8.69
C MET B 290 52.03 -19.31 9.60
N THR B 291 50.85 -19.81 9.24
CA THR B 291 50.16 -20.75 10.13
C THR B 291 50.93 -22.06 10.29
N GLY B 292 51.81 -22.40 9.35
CA GLY B 292 52.40 -23.71 9.37
C GLY B 292 51.47 -24.84 8.99
N LEU B 293 50.25 -24.54 8.56
CA LEU B 293 49.31 -25.59 8.22
C LEU B 293 49.22 -25.79 6.71
N PRO B 294 48.77 -26.95 6.26
CA PRO B 294 48.52 -27.12 4.82
C PRO B 294 47.43 -26.16 4.39
N PHE B 295 47.57 -25.58 3.19
CA PHE B 295 46.55 -24.65 2.73
C PHE B 295 46.33 -24.77 1.23
N PHE B 296 45.11 -24.44 0.83
CA PHE B 296 44.70 -24.45 -0.57
C PHE B 296 43.93 -23.16 -0.82
N VAL B 297 44.54 -22.23 -1.55
CA VAL B 297 43.99 -20.90 -1.76
C VAL B 297 43.55 -20.79 -3.21
N ALA B 298 42.24 -20.59 -3.42
CA ALA B 298 41.68 -20.48 -4.76
C ALA B 298 41.18 -19.04 -4.91
N LEU B 299 42.00 -18.20 -5.52
CA LEU B 299 41.69 -16.79 -5.68
C LEU B 299 42.01 -16.36 -7.10
N SER B 300 41.30 -15.34 -7.56
CA SER B 300 41.69 -14.67 -8.78
C SER B 300 43.06 -14.03 -8.59
N LYS B 301 43.87 -14.08 -9.65
CA LYS B 301 45.07 -13.26 -9.65
C LYS B 301 44.68 -11.81 -9.33
N PRO B 302 45.49 -11.09 -8.58
CA PRO B 302 45.12 -9.74 -8.18
C PRO B 302 45.20 -8.75 -9.34
N HIS B 303 44.58 -7.59 -9.13
CA HIS B 303 44.58 -6.52 -10.12
C HIS B 303 45.99 -6.25 -10.64
N GLY B 304 46.12 -6.28 -11.97
CA GLY B 304 47.36 -5.98 -12.63
C GLY B 304 48.31 -7.15 -12.80
N ALA B 305 48.02 -8.29 -12.20
CA ALA B 305 48.95 -9.41 -12.25
C ALA B 305 48.87 -10.16 -13.58
N ASP B 306 50.01 -10.73 -13.98
CA ASP B 306 50.03 -11.60 -15.15
C ASP B 306 49.43 -12.96 -14.83
N SER B 307 49.59 -13.41 -13.60
CA SER B 307 49.23 -14.76 -13.14
C SER B 307 49.34 -14.75 -11.64
N ILE B 308 48.85 -15.82 -11.01
CA ILE B 308 49.09 -15.99 -9.58
C ILE B 308 50.57 -16.01 -9.30
N GLU B 309 51.33 -16.71 -10.16
CA GLU B 309 52.75 -16.87 -9.92
C GLU B 309 53.49 -15.54 -10.02
N GLU B 310 53.06 -14.67 -10.93
CA GLU B 310 53.71 -13.38 -11.10
C GLU B 310 53.40 -12.43 -9.96
N ALA B 311 52.31 -12.69 -9.24
CA ALA B 311 51.90 -11.85 -8.11
C ALA B 311 52.43 -12.41 -6.79
N LEU B 312 52.92 -13.64 -6.73
CA LEU B 312 53.40 -14.14 -5.42
C LEU B 312 54.64 -13.38 -4.87
N PRO B 313 54.82 -13.25 -3.56
CA PRO B 313 56.01 -12.56 -3.05
C PRO B 313 57.26 -13.47 -3.01
N GLU B 314 58.48 -12.97 -2.88
CA GLU B 314 59.63 -13.88 -2.68
C GLU B 314 59.61 -14.91 -1.51
N GLY B 315 60.11 -16.12 -1.78
CA GLY B 315 60.41 -17.20 -0.86
C GLY B 315 59.18 -18.00 -0.48
N PHE B 316 59.23 -19.30 -0.71
CA PHE B 316 58.10 -20.19 -0.39
C PHE B 316 58.60 -21.58 0.01
N LEU B 317 59.70 -22.00 -0.60
CA LEU B 317 60.27 -23.32 -0.30
C LEU B 317 61.26 -23.25 0.86
N GLU B 318 60.81 -22.70 1.98
CA GLU B 318 61.66 -22.58 3.18
C GLU B 318 61.45 -23.75 4.15
N ARG B 319 60.97 -23.45 5.37
CA ARG B 319 60.50 -24.54 6.23
C ARG B 319 59.23 -25.14 5.66
N VAL B 320 58.27 -24.30 5.24
CA VAL B 320 57.11 -24.82 4.58
C VAL B 320 57.50 -25.14 3.14
N GLY B 321 57.24 -26.38 2.73
CA GLY B 321 57.59 -26.82 1.39
C GLY B 321 56.39 -26.87 0.46
N ASP B 322 56.05 -28.08 0.03
CA ASP B 322 54.94 -28.28 -0.90
C ASP B 322 53.62 -28.51 -0.16
N ARG B 323 53.47 -27.86 0.99
CA ARG B 323 52.25 -27.99 1.77
C ARG B 323 51.22 -26.88 1.56
N GLY B 324 51.41 -26.04 0.56
CA GLY B 324 50.37 -25.09 0.19
C GLY B 324 50.20 -24.99 -1.32
N VAL B 325 48.97 -24.70 -1.73
CA VAL B 325 48.63 -24.44 -3.13
C VAL B 325 47.96 -23.07 -3.20
N VAL B 326 48.37 -22.25 -4.17
CA VAL B 326 47.66 -21.03 -4.52
C VAL B 326 47.33 -21.13 -6.00
N HIS B 327 46.04 -21.15 -6.32
CA HIS B 327 45.61 -21.46 -7.69
C HIS B 327 44.67 -20.39 -8.20
N GLY B 328 44.94 -19.89 -9.40
CA GLY B 328 44.15 -18.86 -10.02
C GLY B 328 43.13 -19.33 -11.03
N GLY B 329 43.07 -20.63 -11.32
CA GLY B 329 42.07 -21.16 -12.20
C GLY B 329 40.84 -21.65 -11.44
N TRP B 330 39.80 -22.01 -12.20
CA TRP B 330 38.57 -22.45 -11.57
C TRP B 330 38.79 -23.76 -10.83
N VAL B 331 38.19 -23.88 -9.64
CA VAL B 331 38.28 -25.11 -8.85
C VAL B 331 36.90 -25.57 -8.45
N GLN B 332 36.79 -26.87 -8.18
CA GLN B 332 35.54 -27.51 -7.78
C GLN B 332 35.39 -27.35 -6.27
N GLN B 333 34.88 -26.18 -5.87
CA GLN B 333 34.88 -25.83 -4.45
C GLN B 333 34.10 -26.84 -3.63
N THR B 334 32.93 -27.26 -4.11
CA THR B 334 32.13 -28.22 -3.38
C THR B 334 32.90 -29.52 -3.12
N GLN B 335 33.47 -30.12 -4.16
CA GLN B 335 34.21 -31.36 -3.98
C GLN B 335 35.43 -31.18 -3.08
N ILE B 336 36.10 -30.01 -3.16
CA ILE B 336 37.28 -29.79 -2.32
C ILE B 336 36.88 -29.68 -0.87
N LEU B 337 35.86 -28.87 -0.60
CA LEU B 337 35.40 -28.64 0.77
C LEU B 337 35.05 -29.93 1.49
N ASN B 338 34.32 -30.81 0.81
CA ASN B 338 33.88 -32.06 1.40
C ASN B 338 35.04 -33.02 1.71
N HIS B 339 36.04 -33.03 0.85
CA HIS B 339 37.19 -33.94 1.01
C HIS B 339 37.61 -34.00 2.47
N GLN B 340 37.91 -35.21 2.92
CA GLN B 340 38.12 -35.41 4.34
C GLN B 340 39.36 -34.70 4.87
N SER B 341 40.30 -34.31 4.00
CA SER B 341 41.50 -33.62 4.47
C SER B 341 41.25 -32.16 4.81
N VAL B 342 40.17 -31.58 4.30
CA VAL B 342 39.90 -30.16 4.51
C VAL B 342 39.20 -29.97 5.85
N GLY B 343 39.72 -29.05 6.66
CA GLY B 343 39.15 -28.83 7.97
C GLY B 343 38.78 -27.40 8.25
N CYS B 344 39.07 -26.48 7.33
CA CYS B 344 38.77 -25.07 7.56
C CYS B 344 38.46 -24.40 6.23
N PHE B 345 37.50 -23.47 6.25
CA PHE B 345 37.08 -22.71 5.08
C PHE B 345 37.19 -21.22 5.42
N VAL B 346 38.16 -20.54 4.81
CA VAL B 346 38.29 -19.09 4.92
C VAL B 346 37.57 -18.46 3.74
N SER B 347 36.58 -17.60 4.02
CA SER B 347 35.83 -16.98 2.94
C SER B 347 35.48 -15.54 3.33
N HIS B 348 34.83 -14.86 2.40
CA HIS B 348 34.38 -13.48 2.57
C HIS B 348 32.95 -13.41 3.09
N CYS B 349 32.34 -14.56 3.41
CA CYS B 349 30.97 -14.63 3.88
C CYS B 349 29.99 -13.98 2.90
N GLY B 350 30.23 -14.18 1.61
CA GLY B 350 29.19 -13.94 0.63
C GLY B 350 28.04 -14.89 0.86
N PHE B 351 26.90 -14.57 0.24
CA PHE B 351 25.69 -15.36 0.47
C PHE B 351 25.95 -16.85 0.24
N GLY B 352 26.41 -17.21 -0.95
CA GLY B 352 26.66 -18.61 -1.25
C GLY B 352 27.74 -19.22 -0.37
N SER B 353 28.80 -18.46 -0.08
CA SER B 353 29.85 -18.97 0.78
C SER B 353 29.37 -19.13 2.23
N MET B 354 28.49 -18.23 2.68
CA MET B 354 27.93 -18.38 4.03
C MET B 354 27.22 -19.72 4.15
N TRP B 355 26.34 -20.03 3.19
CA TRP B 355 25.59 -21.27 3.27
C TRP B 355 26.49 -22.48 3.11
N GLU B 356 27.45 -22.44 2.19
CA GLU B 356 28.40 -23.54 2.07
C GLU B 356 29.16 -23.76 3.37
N SER B 357 29.58 -22.68 4.02
CA SER B 357 30.27 -22.81 5.29
C SER B 357 29.37 -23.47 6.33
N LEU B 358 28.13 -22.99 6.44
CA LEU B 358 27.19 -23.54 7.43
C LEU B 358 26.94 -25.02 7.18
N LEU B 359 26.80 -25.42 5.93
CA LEU B 359 26.47 -26.80 5.58
C LEU B 359 27.67 -27.74 5.62
N SER B 360 28.89 -27.21 5.68
CA SER B 360 30.09 -28.03 5.73
C SER B 360 30.38 -28.48 7.16
N ASP B 361 31.37 -29.36 7.30
CA ASP B 361 31.85 -29.75 8.63
C ASP B 361 33.21 -29.15 8.94
N SER B 362 33.61 -28.11 8.23
CA SER B 362 34.88 -27.40 8.46
C SER B 362 34.67 -26.20 9.35
N GLN B 363 35.73 -25.81 10.05
CA GLN B 363 35.72 -24.57 10.81
C GLN B 363 35.56 -23.39 9.85
N ILE B 364 34.98 -22.31 10.35
CA ILE B 364 34.59 -21.18 9.50
C ILE B 364 35.37 -19.95 9.94
N VAL B 365 36.11 -19.35 9.00
CA VAL B 365 36.90 -18.15 9.22
C VAL B 365 36.48 -17.11 8.19
N LEU B 366 36.10 -15.91 8.65
CA LEU B 366 35.41 -14.96 7.81
C LEU B 366 36.21 -13.67 7.64
N VAL B 367 36.32 -13.21 6.40
CA VAL B 367 37.05 -12.00 6.01
C VAL B 367 36.13 -11.16 5.13
N PRO B 368 35.10 -10.54 5.70
CA PRO B 368 34.14 -9.81 4.86
C PRO B 368 34.69 -8.50 4.34
N ARG B 369 34.05 -8.02 3.28
CA ARG B 369 34.37 -6.71 2.70
C ARG B 369 33.14 -5.83 2.57
N LEU B 370 32.09 -6.33 1.92
CA LEU B 370 30.88 -5.55 1.70
C LEU B 370 29.96 -5.59 2.92
N ALA B 371 29.00 -4.65 2.93
CA ALA B 371 28.08 -4.53 4.06
C ALA B 371 27.34 -5.83 4.35
N ASP B 372 26.78 -6.47 3.32
CA ASP B 372 26.06 -7.71 3.58
C ASP B 372 26.99 -8.79 4.09
N GLN B 373 28.22 -8.82 3.57
CA GLN B 373 29.21 -9.79 4.03
C GLN B 373 29.56 -9.55 5.50
N ILE B 374 29.69 -8.29 5.90
CA ILE B 374 29.99 -7.99 7.30
C ILE B 374 28.83 -8.43 8.19
N LEU B 375 27.60 -8.13 7.79
CA LEU B 375 26.45 -8.47 8.62
C LEU B 375 26.26 -9.98 8.69
N ASN B 376 26.47 -10.67 7.57
CA ASN B 376 26.49 -12.13 7.58
C ASN B 376 27.58 -12.64 8.54
N THR B 377 28.75 -12.00 8.52
CA THR B 377 29.84 -12.41 9.40
C THR B 377 29.49 -12.18 10.86
N ARG B 378 28.85 -11.05 11.17
CA ARG B 378 28.48 -10.78 12.56
C ARG B 378 27.46 -11.81 13.07
N LEU B 379 26.54 -12.21 12.20
CA LEU B 379 25.59 -13.26 12.58
C LEU B 379 26.32 -14.55 12.92
N LEU B 380 27.20 -15.01 12.04
CA LEU B 380 27.88 -16.29 12.26
C LEU B 380 28.87 -16.21 13.41
N ALA B 381 29.68 -15.15 13.45
CA ALA B 381 30.76 -15.08 14.42
C ALA B 381 30.30 -14.59 15.79
N GLU B 382 29.38 -13.62 15.84
CA GLU B 382 29.03 -13.02 17.13
C GLU B 382 27.73 -13.54 17.70
N GLU B 383 26.70 -13.70 16.86
CA GLU B 383 25.41 -14.19 17.33
C GLU B 383 25.39 -15.70 17.45
N LEU B 384 25.59 -16.42 16.34
CA LEU B 384 25.52 -17.87 16.38
C LEU B 384 26.77 -18.51 16.97
N LYS B 385 27.91 -17.81 16.93
CA LYS B 385 29.19 -18.31 17.42
C LYS B 385 29.52 -19.66 16.78
N VAL B 386 29.44 -19.69 15.46
CA VAL B 386 29.84 -20.84 14.66
C VAL B 386 31.07 -20.55 13.81
N ALA B 387 31.66 -19.37 13.95
CA ALA B 387 32.76 -18.92 13.12
C ALA B 387 33.56 -17.88 13.89
N VAL B 388 34.74 -17.57 13.37
CA VAL B 388 35.55 -16.46 13.87
C VAL B 388 35.74 -15.47 12.73
N GLU B 389 35.91 -14.20 13.09
CA GLU B 389 36.10 -13.13 12.12
C GLU B 389 37.52 -12.62 12.21
N VAL B 390 38.15 -12.36 11.09
CA VAL B 390 39.45 -11.80 11.08
C VAL B 390 39.36 -10.31 11.36
N GLU B 391 40.17 -9.82 12.29
CA GLU B 391 40.19 -8.40 12.61
C GLU B 391 40.76 -7.59 11.46
N ARG B 392 40.06 -6.53 11.07
CA ARG B 392 40.49 -5.67 9.98
C ARG B 392 41.22 -4.44 10.51
N GLY B 393 41.16 -3.35 9.74
CA GLY B 393 41.80 -2.11 10.12
C GLY B 393 40.97 -0.89 9.76
N ASP B 394 41.42 -0.17 8.74
CA ASP B 394 40.72 1.03 8.29
C ASP B 394 39.61 0.68 7.29
N MET B 395 40.00 0.54 6.02
CA MET B 395 39.05 0.20 4.97
C MET B 395 38.74 -1.29 4.96
N GLY B 396 39.69 -2.09 5.42
CA GLY B 396 39.52 -3.53 5.46
C GLY B 396 40.82 -4.28 5.24
N TRP B 397 41.94 -3.59 5.45
CA TRP B 397 43.25 -4.18 5.28
C TRP B 397 43.59 -5.07 6.43
N PHE B 398 43.58 -6.38 6.19
CA PHE B 398 43.90 -7.35 7.22
C PHE B 398 45.36 -7.77 7.08
N SER B 399 46.03 -7.90 8.22
CA SER B 399 47.43 -8.25 8.27
C SER B 399 47.60 -9.77 8.22
N LYS B 400 48.80 -10.19 7.84
CA LYS B 400 49.09 -11.63 7.86
C LYS B 400 49.04 -12.18 9.27
N GLU B 401 49.42 -11.36 10.27
CA GLU B 401 49.39 -11.82 11.65
C GLU B 401 47.97 -12.06 12.14
N ASP B 402 47.04 -11.19 11.76
CA ASP B 402 45.67 -11.36 12.23
C ASP B 402 44.96 -12.49 11.49
N LEU B 403 45.23 -12.66 10.20
CA LEU B 403 44.69 -13.83 9.51
C LEU B 403 45.26 -15.11 10.10
N CYS B 404 46.57 -15.15 10.33
CA CYS B 404 47.19 -16.33 10.94
C CYS B 404 46.55 -16.65 12.28
N LYS B 405 46.39 -15.64 13.13
CA LYS B 405 45.78 -15.81 14.45
C LYS B 405 44.38 -16.39 14.35
N ALA B 406 43.56 -15.88 13.44
CA ALA B 406 42.20 -16.40 13.29
C ALA B 406 42.20 -17.87 12.89
N ILE B 407 43.04 -18.26 11.94
CA ILE B 407 43.08 -19.65 11.49
C ILE B 407 43.51 -20.57 12.63
N LYS B 408 44.60 -20.19 13.32
CA LYS B 408 45.03 -21.00 14.45
C LYS B 408 43.97 -21.09 15.53
N SER B 409 43.19 -20.02 15.73
CA SER B 409 42.17 -20.04 16.77
C SER B 409 41.10 -21.10 16.53
N VAL B 410 40.88 -21.54 15.29
CA VAL B 410 39.93 -22.62 15.04
C VAL B 410 40.60 -23.95 14.73
N MET B 411 41.90 -23.96 14.43
CA MET B 411 42.62 -25.17 14.08
C MET B 411 43.46 -25.75 15.22
N ASP B 412 43.95 -24.90 16.12
CA ASP B 412 44.72 -25.38 17.25
C ASP B 412 43.85 -26.24 18.16
N GLU B 413 44.41 -27.37 18.62
CA GLU B 413 43.61 -28.31 19.38
C GLU B 413 43.22 -27.74 20.73
N GLU B 414 44.06 -26.90 21.32
CA GLU B 414 43.84 -26.32 22.64
C GLU B 414 43.06 -25.00 22.62
N SER B 415 42.79 -24.42 21.45
CA SER B 415 42.03 -23.17 21.36
C SER B 415 40.60 -23.36 21.86
N GLU B 416 40.25 -22.68 22.96
CA GLU B 416 38.90 -22.78 23.50
C GLU B 416 37.84 -22.30 22.50
N VAL B 417 38.10 -21.18 21.83
CA VAL B 417 37.12 -20.69 20.87
C VAL B 417 36.98 -21.66 19.71
N GLY B 418 38.06 -22.36 19.34
CA GLY B 418 37.95 -23.37 18.30
C GLY B 418 37.02 -24.49 18.69
N LYS B 419 37.08 -24.91 19.96
CA LYS B 419 36.19 -25.97 20.43
C LYS B 419 34.75 -25.49 20.43
N LEU B 420 34.52 -24.25 20.83
CA LEU B 420 33.16 -23.72 20.93
C LEU B 420 32.52 -23.60 19.55
N VAL B 421 33.22 -22.95 18.60
CA VAL B 421 32.59 -22.75 17.31
C VAL B 421 32.42 -24.08 16.59
N LYS B 422 33.29 -25.06 16.84
CA LYS B 422 33.12 -26.36 16.20
C LYS B 422 31.85 -27.04 16.70
N LYS B 423 31.62 -27.03 18.01
CA LYS B 423 30.40 -27.63 18.55
C LYS B 423 29.15 -26.88 18.10
N ASN B 424 29.16 -25.55 18.19
CA ASN B 424 28.00 -24.77 17.75
C ASN B 424 27.72 -24.98 16.27
N HIS B 425 28.78 -24.98 15.45
CA HIS B 425 28.59 -25.18 14.02
C HIS B 425 27.93 -26.54 13.76
N ALA B 426 28.38 -27.58 14.45
CA ALA B 426 27.78 -28.90 14.30
C ALA B 426 26.28 -28.88 14.62
N LYS B 427 25.92 -28.24 15.74
CA LYS B 427 24.51 -28.11 16.10
C LYS B 427 23.72 -27.42 14.99
N TRP B 428 24.24 -26.31 14.47
CA TRP B 428 23.49 -25.57 13.45
C TRP B 428 23.40 -26.34 12.14
N ARG B 429 24.45 -27.08 11.77
CA ARG B 429 24.39 -27.83 10.52
C ARG B 429 23.29 -28.87 10.55
N GLU B 430 23.18 -29.60 11.66
CA GLU B 430 22.13 -30.60 11.75
C GLU B 430 20.75 -29.97 11.59
N THR B 431 20.54 -28.79 12.18
CA THR B 431 19.29 -28.07 11.92
C THR B 431 19.11 -27.83 10.42
N LEU B 432 20.15 -27.32 9.77
CA LEU B 432 20.03 -26.91 8.38
C LEU B 432 20.01 -28.08 7.40
N VAL B 433 20.20 -29.29 7.89
CA VAL B 433 20.22 -30.48 7.02
C VAL B 433 19.03 -31.39 7.27
N SER B 434 18.17 -31.06 8.23
CA SER B 434 17.02 -31.90 8.51
C SER B 434 16.26 -32.25 7.27
N PRO B 435 15.60 -33.39 7.32
CA PRO B 435 14.91 -33.92 6.14
C PRO B 435 13.87 -32.95 5.59
N GLY B 436 14.08 -32.49 4.37
CA GLY B 436 13.14 -31.60 3.70
C GLY B 436 13.23 -30.16 4.15
N TYR B 437 14.30 -29.81 4.84
CA TYR B 437 14.49 -28.43 5.30
C TYR B 437 14.34 -27.44 4.16
N MET B 438 15.11 -27.61 3.08
CA MET B 438 15.06 -26.68 1.97
C MET B 438 13.73 -26.77 1.22
N ASP B 439 13.31 -28.00 0.89
CA ASP B 439 12.09 -28.16 0.12
C ASP B 439 10.87 -27.65 0.86
N ASN B 440 10.84 -27.80 2.19
CA ASN B 440 9.69 -27.31 2.96
C ASN B 440 9.57 -25.80 2.86
N TYR B 441 10.71 -25.09 2.81
CA TYR B 441 10.63 -23.65 2.61
C TYR B 441 9.99 -23.31 1.28
N LEU B 442 10.39 -24.02 0.23
CA LEU B 442 9.85 -23.79 -1.10
C LEU B 442 8.34 -23.99 -1.14
N GLU B 443 7.89 -25.16 -0.68
CA GLU B 443 6.47 -25.48 -0.65
C GLU B 443 5.68 -24.41 0.11
N ASP B 444 6.16 -24.06 1.30
CA ASP B 444 5.50 -23.06 2.12
C ASP B 444 5.45 -21.74 1.39
N PHE B 445 6.52 -21.43 0.65
CA PHE B 445 6.56 -20.20 -0.15
C PHE B 445 5.49 -20.21 -1.23
N ILE B 446 5.32 -21.35 -1.90
CA ILE B 446 4.30 -21.45 -2.94
C ILE B 446 2.92 -21.28 -2.34
N GLN B 447 2.67 -21.91 -1.19
CA GLN B 447 1.37 -21.77 -0.55
C GLN B 447 1.09 -20.32 -0.17
N GLN B 448 2.11 -19.59 0.25
CA GLN B 448 1.95 -18.17 0.53
C GLN B 448 1.57 -17.40 -0.73
N LEU B 449 2.17 -17.77 -1.86
CA LEU B 449 1.83 -17.11 -3.12
C LEU B 449 0.37 -17.31 -3.47
N TYR B 450 -0.17 -18.49 -3.19
CA TYR B 450 -1.58 -18.75 -3.41
C TYR B 450 -2.47 -17.92 -2.49
#